data_8URK
#
_entry.id   8URK
#
_cell.length_a   137.728
_cell.length_b   137.728
_cell.length_c   167.315
_cell.angle_alpha   90.00
_cell.angle_beta   90.00
_cell.angle_gamma   90.00
#
_symmetry.space_group_name_H-M   'I 41'
#
loop_
_entity.id
_entity.type
_entity.pdbx_description
1 polymer Methyltransferase
2 polymer DNA1
3 polymer DNA2
4 branched beta-D-fructofuranose-(2-1)-alpha-D-glucopyranose
5 non-polymer '4-(2-HYDROXYETHYL)-1-PIPERAZINE ETHANESULFONIC ACID'
6 non-polymer SINEFUNGIN
7 water water
#
loop_
_entity_poly.entity_id
_entity_poly.type
_entity_poly.pdbx_seq_one_letter_code
_entity_poly.pdbx_strand_id
1 'polypeptide(L)'
;MRDLIEEPGGGAASEAGAVQPAAAVPRALPSGIELHNRDFLTDAAHLPDASIDLIVADPPYGLGKDYGNDSDKRSGDDFL
AWTREWLELAIPKLKPSGSMYIFCTWQYAPEIFSFLKTQLTMVNEIIWDRRVPSMGGTTRRFTSVHDNIGFFAVSRAYYF
DLDPVRIPYDADTKKARSRKLFEGSKWLEMGYNPKDVWSVSRLHRQHAERVDHPTQKPLEIIERMVLASCPPGGRVLDPF
MGSGTTAVACARQGRDFVGYEINESYCAIAHERVNALAAPACA
;
A,C,D,B
2 'polydeoxyribonucleotide' (DT)(DT)(DG)(DT)(DT)(DA)(DA)(DC)(DT)(DA)(DG)(DC)(DC)(DA) E,G,I,K
3 'polydeoxyribonucleotide' (DA)(DT)(DG)(DG)(DC)(DT)(DA)(DG)(DT)(DT)(DA)(DA)(DC)(DA) F,H,J,L
#
loop_
_chem_comp.id
_chem_comp.type
_chem_comp.name
_chem_comp.formula
DA DNA linking 2'-DEOXYADENOSINE-5'-MONOPHOSPHATE 'C10 H14 N5 O6 P'
DC DNA linking 2'-DEOXYCYTIDINE-5'-MONOPHOSPHATE 'C9 H14 N3 O7 P'
DG DNA linking 2'-DEOXYGUANOSINE-5'-MONOPHOSPHATE 'C10 H14 N5 O7 P'
DT DNA linking THYMIDINE-5'-MONOPHOSPHATE 'C10 H15 N2 O8 P'
EPE non-polymer '4-(2-HYDROXYETHYL)-1-PIPERAZINE ETHANESULFONIC ACID' 'C8 H18 N2 O4 S'
FRU D-saccharide, beta linking beta-D-fructofuranose 'C6 H12 O6'
GLC D-saccharide, alpha linking alpha-D-glucopyranose 'C6 H12 O6'
SFG non-polymer SINEFUNGIN 'C15 H23 N7 O5'
#
# COMPACT_ATOMS: atom_id res chain seq x y z
N LEU A 29 -6.01 -27.60 -30.92
CA LEU A 29 -6.00 -26.91 -29.63
C LEU A 29 -4.67 -27.05 -28.93
N PRO A 30 -4.42 -26.17 -27.96
CA PRO A 30 -3.19 -26.27 -27.15
C PRO A 30 -2.93 -27.68 -26.62
N SER A 31 -1.79 -27.87 -25.99
CA SER A 31 -1.41 -29.20 -25.55
C SER A 31 -2.45 -29.98 -24.77
N GLY A 32 -2.55 -29.73 -23.46
CA GLY A 32 -3.46 -30.50 -22.63
C GLY A 32 -4.91 -30.14 -22.60
N ILE A 33 -5.43 -29.61 -23.69
CA ILE A 33 -6.85 -29.31 -23.76
C ILE A 33 -7.60 -30.39 -24.54
N GLU A 34 -8.26 -31.29 -23.83
CA GLU A 34 -9.00 -32.38 -24.46
C GLU A 34 -10.50 -32.17 -24.44
N LEU A 35 -11.05 -31.86 -25.60
CA LEU A 35 -12.48 -31.63 -25.71
C LEU A 35 -13.10 -32.90 -26.30
N HIS A 36 -13.84 -33.62 -25.48
CA HIS A 36 -14.50 -34.85 -25.89
C HIS A 36 -15.99 -34.56 -26.04
N ASN A 37 -16.52 -34.75 -27.24
CA ASN A 37 -17.97 -34.64 -27.47
C ASN A 37 -18.58 -35.99 -27.18
N ARG A 38 -18.45 -36.43 -25.94
CA ARG A 38 -18.98 -37.71 -25.54
C ARG A 38 -19.72 -37.70 -24.21
N ASP A 39 -20.60 -38.66 -24.00
CA ASP A 39 -21.28 -38.79 -22.74
C ASP A 39 -20.29 -39.23 -21.69
N PHE A 40 -20.23 -38.52 -20.58
CA PHE A 40 -19.27 -38.82 -19.54
C PHE A 40 -19.48 -40.16 -18.87
N LEU A 41 -20.71 -40.59 -18.71
CA LEU A 41 -20.96 -41.81 -17.98
C LEU A 41 -20.54 -43.05 -18.77
N THR A 42 -20.52 -42.93 -20.08
CA THR A 42 -20.09 -44.04 -20.93
C THR A 42 -18.61 -43.95 -21.26
N ASP A 43 -17.98 -42.81 -21.00
CA ASP A 43 -16.60 -42.60 -21.39
C ASP A 43 -15.63 -42.34 -20.26
N ALA A 44 -16.11 -42.25 -19.05
CA ALA A 44 -15.26 -42.07 -17.90
C ALA A 44 -14.30 -43.23 -17.71
N ALA A 45 -14.72 -44.41 -18.13
CA ALA A 45 -13.87 -45.59 -18.05
C ALA A 45 -12.56 -45.34 -18.73
N HIS A 46 -12.59 -44.59 -19.80
CA HIS A 46 -11.39 -44.27 -20.53
C HIS A 46 -10.46 -43.36 -19.77
N LEU A 47 -10.93 -42.77 -18.69
CA LEU A 47 -10.14 -41.84 -17.94
C LEU A 47 -9.47 -42.56 -16.84
N PRO A 48 -8.14 -42.52 -16.86
CA PRO A 48 -7.37 -43.23 -15.86
C PRO A 48 -7.71 -42.73 -14.46
N ASP A 49 -7.72 -43.63 -13.50
CA ASP A 49 -8.05 -43.28 -12.16
C ASP A 49 -6.91 -42.58 -11.49
N ALA A 50 -7.21 -41.81 -10.46
CA ALA A 50 -6.19 -41.08 -9.73
C ALA A 50 -5.31 -40.27 -10.68
N SER A 51 -5.92 -39.76 -11.75
CA SER A 51 -5.19 -38.99 -12.74
C SER A 51 -5.58 -37.52 -12.80
N ILE A 52 -6.58 -37.12 -12.02
CA ILE A 52 -7.05 -35.74 -12.07
C ILE A 52 -6.76 -34.92 -10.82
N ASP A 53 -6.28 -33.71 -11.03
CA ASP A 53 -5.97 -32.83 -9.93
C ASP A 53 -7.19 -32.09 -9.39
N LEU A 54 -8.07 -31.67 -10.29
CA LEU A 54 -9.28 -30.97 -9.90
C LEU A 54 -10.47 -31.27 -10.77
N ILE A 55 -11.63 -31.35 -10.15
CA ILE A 55 -12.85 -31.53 -10.89
C ILE A 55 -13.71 -30.28 -10.75
N VAL A 56 -14.02 -29.64 -11.86
CA VAL A 56 -14.90 -28.50 -11.84
C VAL A 56 -16.21 -28.97 -12.46
N ALA A 57 -17.17 -29.27 -11.62
CA ALA A 57 -18.41 -29.81 -12.10
C ALA A 57 -19.58 -28.85 -12.04
N ASP A 58 -20.15 -28.54 -13.18
CA ASP A 58 -21.35 -27.73 -13.21
C ASP A 58 -22.37 -28.60 -13.89
N PRO A 59 -22.87 -29.58 -13.17
CA PRO A 59 -23.80 -30.52 -13.76
C PRO A 59 -25.22 -29.98 -13.89
N PRO A 60 -26.08 -30.67 -14.63
CA PRO A 60 -27.47 -30.22 -14.65
C PRO A 60 -28.04 -30.12 -13.23
N TYR A 61 -28.64 -29.01 -12.91
CA TYR A 61 -29.22 -28.79 -11.57
C TYR A 61 -30.53 -29.51 -11.29
N GLY A 62 -31.20 -30.06 -12.28
CA GLY A 62 -32.53 -30.59 -12.08
C GLY A 62 -33.59 -29.52 -12.11
N LEU A 63 -33.36 -28.46 -12.88
CA LEU A 63 -34.27 -27.32 -12.95
C LEU A 63 -35.08 -27.27 -14.25
N GLY A 64 -35.00 -28.30 -15.08
CA GLY A 64 -35.84 -28.35 -16.26
C GLY A 64 -35.43 -27.46 -17.41
N LYS A 65 -34.15 -27.20 -17.60
CA LYS A 65 -33.68 -26.34 -18.67
C LYS A 65 -33.49 -27.14 -19.96
N ASP A 66 -33.39 -26.40 -21.05
CA ASP A 66 -33.20 -27.04 -22.35
C ASP A 66 -31.77 -26.99 -22.83
N TYR A 67 -31.07 -28.09 -22.67
CA TYR A 67 -29.70 -28.18 -23.09
C TYR A 67 -29.58 -28.86 -24.45
N GLY A 68 -30.68 -29.02 -25.16
CA GLY A 68 -30.65 -29.73 -26.41
C GLY A 68 -30.86 -31.18 -26.11
N ASN A 69 -31.16 -31.48 -24.86
CA ASN A 69 -31.37 -32.84 -24.44
C ASN A 69 -32.14 -32.82 -23.13
N ASP A 70 -32.30 -33.97 -22.51
CA ASP A 70 -33.09 -34.06 -21.30
C ASP A 70 -32.29 -34.18 -20.03
N SER A 71 -31.03 -33.77 -20.07
CA SER A 71 -30.15 -33.86 -18.92
C SER A 71 -30.75 -33.17 -17.72
N ASP A 72 -31.33 -32.00 -17.94
CA ASP A 72 -31.93 -31.24 -16.88
C ASP A 72 -33.45 -31.44 -16.77
N LYS A 73 -33.97 -32.52 -17.33
CA LYS A 73 -35.39 -32.79 -17.21
C LYS A 73 -35.69 -33.82 -16.13
N ARG A 74 -34.67 -34.25 -15.39
CA ARG A 74 -34.88 -35.12 -14.24
C ARG A 74 -35.07 -34.29 -12.98
N SER A 75 -35.59 -34.93 -11.94
CA SER A 75 -35.91 -34.22 -10.70
C SER A 75 -36.20 -35.23 -9.60
N GLY A 76 -36.23 -34.73 -8.36
CA GLY A 76 -36.57 -35.59 -7.25
C GLY A 76 -35.59 -36.74 -7.13
N ASP A 77 -36.11 -37.91 -6.76
CA ASP A 77 -35.23 -39.05 -6.46
C ASP A 77 -34.48 -39.53 -7.71
N ASP A 78 -35.05 -39.30 -8.89
CA ASP A 78 -34.40 -39.73 -10.14
C ASP A 78 -33.13 -38.92 -10.38
N PHE A 79 -33.21 -37.60 -10.22
CA PHE A 79 -32.06 -36.73 -10.41
C PHE A 79 -30.98 -37.00 -9.37
N LEU A 80 -31.37 -37.08 -8.09
CA LEU A 80 -30.39 -37.45 -7.07
C LEU A 80 -29.74 -38.79 -7.41
N ALA A 81 -30.55 -39.77 -7.83
CA ALA A 81 -29.99 -41.05 -8.23
C ALA A 81 -28.99 -40.89 -9.36
N TRP A 82 -29.37 -40.16 -10.42
CA TRP A 82 -28.44 -39.92 -11.52
C TRP A 82 -27.21 -39.16 -11.03
N THR A 83 -27.39 -38.21 -10.12
CA THR A 83 -26.26 -37.43 -9.64
C THR A 83 -25.26 -38.31 -8.90
N ARG A 84 -25.74 -39.27 -8.10
CA ARG A 84 -24.83 -40.22 -7.47
C ARG A 84 -24.13 -41.06 -8.53
N GLU A 85 -24.86 -41.44 -9.58
CA GLU A 85 -24.30 -42.28 -10.63
C GLU A 85 -23.03 -41.66 -11.20
N TRP A 86 -23.12 -40.43 -11.68
CA TRP A 86 -21.93 -39.84 -12.28
C TRP A 86 -20.90 -39.49 -11.22
N LEU A 87 -21.35 -39.10 -10.03
CA LEU A 87 -20.39 -38.79 -8.98
C LEU A 87 -19.51 -39.99 -8.67
N GLU A 88 -20.11 -41.17 -8.61
CA GLU A 88 -19.32 -42.37 -8.31
C GLU A 88 -18.35 -42.69 -9.44
N LEU A 89 -18.68 -42.33 -10.68
CA LEU A 89 -17.75 -42.53 -11.77
C LEU A 89 -16.56 -41.59 -11.65
N ALA A 90 -16.81 -40.36 -11.22
CA ALA A 90 -15.78 -39.32 -11.27
C ALA A 90 -14.86 -39.34 -10.06
N ILE A 91 -15.40 -39.57 -8.86
CA ILE A 91 -14.59 -39.45 -7.65
C ILE A 91 -13.29 -40.24 -7.76
N PRO A 92 -13.29 -41.52 -8.14
CA PRO A 92 -12.05 -42.28 -8.21
C PRO A 92 -10.99 -41.64 -9.10
N LYS A 93 -11.38 -40.80 -10.03
CA LYS A 93 -10.46 -40.14 -10.93
C LYS A 93 -9.62 -39.07 -10.25
N LEU A 94 -9.93 -38.78 -9.01
CA LEU A 94 -9.22 -37.77 -8.30
C LEU A 94 -7.93 -38.29 -7.72
N LYS A 95 -6.86 -37.52 -7.86
CA LYS A 95 -5.62 -37.89 -7.24
C LYS A 95 -5.82 -37.70 -5.76
N PRO A 96 -4.98 -38.33 -4.95
CA PRO A 96 -5.10 -38.18 -3.50
C PRO A 96 -4.91 -36.74 -3.02
N SER A 97 -4.55 -35.85 -3.90
CA SER A 97 -4.32 -34.48 -3.57
C SER A 97 -5.39 -33.62 -4.20
N GLY A 98 -6.26 -34.24 -4.97
CA GLY A 98 -7.24 -33.51 -5.69
C GLY A 98 -8.47 -33.00 -4.98
N SER A 99 -9.22 -32.17 -5.66
CA SER A 99 -10.37 -31.55 -5.06
C SER A 99 -11.48 -31.45 -6.08
N MET A 100 -12.65 -30.98 -5.65
CA MET A 100 -13.78 -30.83 -6.54
C MET A 100 -14.79 -29.77 -6.14
N TYR A 101 -15.22 -28.98 -7.10
CA TYR A 101 -16.24 -28.01 -6.89
C TYR A 101 -17.43 -28.48 -7.72
N ILE A 102 -18.61 -28.46 -7.12
CA ILE A 102 -19.82 -28.92 -7.80
C ILE A 102 -20.89 -27.87 -7.59
N PHE A 103 -21.45 -27.36 -8.70
CA PHE A 103 -22.54 -26.41 -8.66
C PHE A 103 -23.85 -27.14 -8.43
N CYS A 104 -24.75 -26.51 -7.69
CA CYS A 104 -26.08 -27.07 -7.54
C CYS A 104 -27.02 -25.99 -7.03
N THR A 105 -28.32 -26.30 -7.02
CA THR A 105 -29.34 -25.41 -6.49
C THR A 105 -29.74 -25.82 -5.09
N TRP A 106 -30.02 -24.87 -4.26
CA TRP A 106 -30.48 -25.14 -2.92
C TRP A 106 -31.53 -26.24 -2.84
N GLN A 107 -32.27 -26.44 -3.91
CA GLN A 107 -33.27 -27.47 -3.96
C GLN A 107 -32.74 -28.87 -3.82
N TYR A 108 -31.51 -29.12 -4.27
CA TYR A 108 -30.92 -30.43 -4.08
C TYR A 108 -29.59 -30.40 -3.34
N ALA A 109 -29.14 -29.23 -2.89
CA ALA A 109 -27.83 -29.17 -2.22
C ALA A 109 -27.76 -30.03 -0.97
N PRO A 110 -28.72 -29.99 -0.04
CA PRO A 110 -28.54 -30.76 1.19
C PRO A 110 -28.32 -32.23 0.95
N GLU A 111 -29.06 -32.84 0.01
CA GLU A 111 -28.93 -34.27 -0.24
C GLU A 111 -27.62 -34.58 -0.96
N ILE A 112 -27.28 -33.78 -1.98
CA ILE A 112 -26.02 -33.97 -2.70
C ILE A 112 -24.83 -33.80 -1.74
N PHE A 113 -24.78 -32.65 -1.06
CA PHE A 113 -23.70 -32.40 -0.11
C PHE A 113 -23.65 -33.49 0.97
N SER A 114 -24.80 -33.91 1.49
CA SER A 114 -24.81 -34.99 2.47
C SER A 114 -24.19 -36.24 1.90
N PHE A 115 -24.47 -36.56 0.64
CA PHE A 115 -23.91 -37.77 0.05
C PHE A 115 -22.41 -37.64 -0.15
N LEU A 116 -21.95 -36.49 -0.60
CA LEU A 116 -20.53 -36.32 -0.87
C LEU A 116 -19.73 -36.34 0.41
N LYS A 117 -20.34 -35.99 1.54
CA LYS A 117 -19.63 -35.98 2.81
C LYS A 117 -19.32 -37.39 3.31
N THR A 118 -20.01 -38.40 2.77
CA THR A 118 -19.68 -39.80 3.05
C THR A 118 -18.59 -40.34 2.14
N GLN A 119 -18.15 -39.56 1.14
CA GLN A 119 -17.12 -39.96 0.20
C GLN A 119 -15.88 -39.09 0.29
N LEU A 120 -16.06 -37.81 0.57
CA LEU A 120 -15.00 -36.82 0.63
C LEU A 120 -15.24 -35.94 1.86
N THR A 121 -14.26 -35.10 2.12
CA THR A 121 -14.37 -34.14 3.19
C THR A 121 -14.69 -32.79 2.57
N MET A 122 -15.65 -32.11 3.14
CA MET A 122 -16.02 -30.79 2.65
C MET A 122 -15.17 -29.69 3.23
N VAL A 123 -14.45 -28.99 2.38
CA VAL A 123 -13.59 -27.90 2.82
C VAL A 123 -14.37 -26.59 2.90
N ASN A 124 -15.29 -26.42 1.98
CA ASN A 124 -16.06 -25.22 1.97
C ASN A 124 -17.36 -25.33 1.23
N GLU A 125 -18.26 -24.38 1.50
CA GLU A 125 -19.45 -24.24 0.72
C GLU A 125 -19.32 -22.82 0.22
N ILE A 126 -19.24 -22.68 -1.09
CA ILE A 126 -19.11 -21.37 -1.69
C ILE A 126 -20.47 -20.97 -2.25
N ILE A 127 -20.86 -19.77 -1.94
CA ILE A 127 -22.11 -19.25 -2.40
C ILE A 127 -21.84 -18.32 -3.54
N TRP A 128 -22.31 -18.66 -4.71
CA TRP A 128 -22.18 -17.74 -5.81
C TRP A 128 -23.38 -16.82 -5.83
N ASP A 129 -23.14 -15.59 -5.48
CA ASP A 129 -24.15 -14.59 -5.51
C ASP A 129 -24.16 -14.08 -6.92
N ARG A 130 -25.26 -14.28 -7.59
CA ARG A 130 -25.33 -13.96 -8.99
C ARG A 130 -25.78 -12.55 -9.25
N ARG A 131 -26.05 -11.79 -8.21
CA ARG A 131 -26.53 -10.42 -8.35
CA ARG A 131 -26.53 -10.42 -8.35
C ARG A 131 -27.90 -10.21 -9.07
N VAL A 132 -28.07 -10.87 -10.20
CA VAL A 132 -29.32 -10.76 -10.94
C VAL A 132 -30.22 -11.91 -10.58
N PRO A 133 -31.36 -11.59 -10.00
CA PRO A 133 -32.26 -12.63 -9.54
C PRO A 133 -32.96 -13.38 -10.67
N SER A 134 -33.44 -14.58 -10.40
CA SER A 134 -34.24 -15.29 -11.38
C SER A 134 -35.59 -14.59 -11.55
N MET A 135 -36.12 -14.66 -12.77
CA MET A 135 -37.43 -14.11 -13.07
C MET A 135 -38.51 -15.17 -12.83
N GLY A 136 -39.76 -14.77 -13.02
CA GLY A 136 -40.86 -15.68 -12.74
C GLY A 136 -42.14 -14.94 -12.47
N GLY A 137 -42.17 -14.22 -11.37
CA GLY A 137 -43.33 -13.46 -11.00
C GLY A 137 -43.86 -13.76 -9.61
N THR A 138 -43.10 -14.52 -8.83
CA THR A 138 -43.56 -14.92 -7.52
C THR A 138 -43.61 -13.79 -6.53
N THR A 139 -44.33 -14.01 -5.45
CA THR A 139 -44.51 -13.01 -4.41
C THR A 139 -44.67 -13.82 -3.11
N ARG A 140 -44.60 -15.13 -3.21
CA ARG A 140 -44.78 -16.00 -2.08
C ARG A 140 -43.50 -16.66 -1.58
N ARG A 141 -42.36 -16.07 -1.89
CA ARG A 141 -41.06 -16.58 -1.44
C ARG A 141 -39.97 -15.63 -1.90
N PHE A 142 -38.79 -15.81 -1.38
CA PHE A 142 -37.71 -14.96 -1.80
C PHE A 142 -37.16 -15.39 -3.16
N THR A 143 -36.83 -14.42 -3.97
CA THR A 143 -36.31 -14.68 -5.31
C THR A 143 -34.92 -15.28 -5.29
N SER A 144 -34.66 -16.20 -6.18
CA SER A 144 -33.36 -16.89 -6.24
C SER A 144 -32.26 -16.04 -6.80
N VAL A 145 -31.18 -15.93 -6.06
CA VAL A 145 -30.08 -15.10 -6.53
C VAL A 145 -28.73 -15.75 -6.22
N HIS A 146 -28.75 -16.95 -5.63
CA HIS A 146 -27.51 -17.67 -5.39
C HIS A 146 -27.56 -19.10 -5.92
N ASP A 147 -26.41 -19.58 -6.36
CA ASP A 147 -26.17 -20.99 -6.61
C ASP A 147 -25.25 -21.51 -5.53
N ASN A 148 -25.31 -22.81 -5.26
CA ASN A 148 -24.50 -23.43 -4.23
C ASN A 148 -23.31 -24.14 -4.87
N ILE A 149 -22.12 -23.94 -4.30
CA ILE A 149 -20.91 -24.62 -4.75
C ILE A 149 -20.32 -25.37 -3.57
N GLY A 150 -20.16 -26.65 -3.71
CA GLY A 150 -19.57 -27.46 -2.68
C GLY A 150 -18.12 -27.76 -2.97
N PHE A 151 -17.25 -27.41 -2.05
CA PHE A 151 -15.83 -27.59 -2.22
C PHE A 151 -15.40 -28.78 -1.41
N PHE A 152 -15.06 -29.85 -2.10
CA PHE A 152 -14.69 -31.10 -1.43
C PHE A 152 -13.24 -31.54 -1.66
N ALA A 153 -12.74 -32.40 -0.78
CA ALA A 153 -11.37 -32.85 -0.84
C ALA A 153 -11.19 -34.32 -0.51
N VAL A 154 -10.42 -35.04 -1.31
CA VAL A 154 -10.18 -36.46 -1.11
C VAL A 154 -9.64 -36.72 0.29
N SER A 155 -8.66 -35.92 0.70
CA SER A 155 -8.00 -36.12 1.98
C SER A 155 -7.52 -34.77 2.49
N ARG A 156 -7.11 -34.76 3.76
CA ARG A 156 -6.69 -33.51 4.39
C ARG A 156 -5.44 -32.94 3.75
N ALA A 157 -4.84 -33.64 2.81
CA ALA A 157 -3.62 -33.19 2.14
C ALA A 157 -3.86 -32.59 0.79
N TYR A 158 -4.97 -31.92 0.62
CA TYR A 158 -5.31 -31.41 -0.69
C TYR A 158 -4.49 -30.20 -1.10
N TYR A 159 -4.33 -30.02 -2.38
CA TYR A 159 -3.60 -28.88 -2.88
C TYR A 159 -4.45 -27.64 -2.91
N PHE A 160 -3.98 -26.60 -2.27
CA PHE A 160 -4.68 -25.32 -2.28
C PHE A 160 -3.67 -24.20 -2.15
N ASP A 161 -3.63 -23.31 -3.14
CA ASP A 161 -2.73 -22.16 -3.12
C ASP A 161 -3.55 -20.89 -3.19
N LEU A 162 -3.58 -20.14 -2.11
CA LEU A 162 -4.44 -18.97 -2.06
C LEU A 162 -3.85 -17.79 -2.82
N ASP A 163 -2.53 -17.69 -2.87
CA ASP A 163 -1.89 -16.48 -3.41
C ASP A 163 -2.43 -16.09 -4.77
N PRO A 164 -2.52 -16.98 -5.76
CA PRO A 164 -2.96 -16.54 -7.09
C PRO A 164 -4.42 -16.08 -7.14
N VAL A 165 -5.24 -16.43 -6.13
CA VAL A 165 -6.63 -16.01 -6.10
C VAL A 165 -6.87 -14.85 -5.14
N ARG A 166 -5.85 -14.43 -4.37
CA ARG A 166 -6.01 -13.29 -3.48
C ARG A 166 -6.48 -12.06 -4.25
N ILE A 167 -7.35 -11.27 -3.62
CA ILE A 167 -7.88 -10.07 -4.25
C ILE A 167 -7.17 -8.84 -3.68
N PRO A 168 -6.25 -8.23 -4.41
CA PRO A 168 -5.58 -7.04 -3.88
C PRO A 168 -6.52 -5.86 -3.85
N TYR A 169 -6.22 -4.93 -2.95
CA TYR A 169 -7.02 -3.72 -2.81
C TYR A 169 -6.58 -2.67 -3.81
N ASP A 170 -7.51 -1.79 -4.16
CA ASP A 170 -7.10 -0.56 -4.82
C ASP A 170 -6.42 0.35 -3.79
N ALA A 171 -5.93 1.49 -4.27
CA ALA A 171 -5.29 2.43 -3.35
C ALA A 171 -6.27 2.91 -2.29
N ASP A 172 -7.40 3.47 -2.71
CA ASP A 172 -8.35 4.05 -1.75
C ASP A 172 -8.75 3.04 -0.69
N THR A 173 -9.12 1.84 -1.13
CA THR A 173 -9.62 0.85 -0.17
C THR A 173 -8.49 0.34 0.72
N LYS A 174 -7.28 0.20 0.17
CA LYS A 174 -6.13 -0.15 1.01
C LYS A 174 -5.89 0.89 2.09
N LYS A 175 -6.07 2.16 1.75
CA LYS A 175 -5.94 3.21 2.74
C LYS A 175 -7.01 3.10 3.81
N ALA A 176 -8.22 2.66 3.42
CA ALA A 176 -9.33 2.60 4.38
C ALA A 176 -9.15 1.45 5.35
N ARG A 177 -8.54 0.36 4.90
CA ARG A 177 -8.37 -0.83 5.72
C ARG A 177 -7.09 -0.81 6.53
N SER A 178 -6.07 -0.08 6.05
CA SER A 178 -4.77 -0.18 6.68
C SER A 178 -4.84 0.32 8.11
N ARG A 179 -4.06 -0.33 8.98
CA ARG A 179 -3.85 0.16 10.33
C ARG A 179 -2.49 -0.36 10.78
N LYS A 180 -1.88 0.31 11.74
CA LYS A 180 -0.60 -0.14 12.23
C LYS A 180 -0.61 -1.62 12.56
N LEU A 181 -1.65 -2.10 13.22
CA LEU A 181 -1.73 -3.50 13.62
C LEU A 181 -1.81 -4.46 12.45
N PHE A 182 -2.23 -3.99 11.30
CA PHE A 182 -2.35 -4.82 10.15
C PHE A 182 -1.22 -4.58 9.15
N GLU A 183 -0.54 -3.45 9.28
CA GLU A 183 0.51 -3.12 8.32
C GLU A 183 1.45 -4.32 8.16
N GLY A 184 1.74 -4.67 6.89
CA GLY A 184 2.60 -5.77 6.58
C GLY A 184 1.92 -7.13 6.51
N SER A 185 0.69 -7.24 7.03
CA SER A 185 -0.04 -8.49 6.91
C SER A 185 -0.15 -8.89 5.44
N LYS A 186 -0.24 -10.19 5.19
CA LYS A 186 -0.36 -10.62 3.80
C LYS A 186 -1.72 -10.23 3.22
N TRP A 187 -2.79 -10.51 3.96
CA TRP A 187 -4.12 -10.12 3.48
C TRP A 187 -4.15 -8.67 3.05
N LEU A 188 -3.39 -7.80 3.73
CA LEU A 188 -3.44 -6.37 3.45
C LEU A 188 -2.58 -5.99 2.26
N GLU A 189 -1.38 -6.57 2.18
CA GLU A 189 -0.41 -6.17 1.17
C GLU A 189 -0.59 -6.92 -0.14
N MET A 190 -0.83 -8.24 -0.07
CA MET A 190 -0.97 -9.09 -1.24
C MET A 190 -2.41 -9.21 -1.72
N GLY A 191 -3.35 -9.23 -0.80
CA GLY A 191 -4.76 -9.27 -1.11
C GLY A 191 -5.46 -10.20 -0.15
N TYR A 192 -6.79 -10.14 -0.17
CA TYR A 192 -7.60 -10.92 0.74
C TYR A 192 -8.30 -12.14 0.15
N ASN A 193 -8.72 -13.05 1.01
CA ASN A 193 -9.45 -14.23 0.56
C ASN A 193 -10.74 -13.87 -0.10
N PRO A 194 -11.07 -14.55 -1.18
CA PRO A 194 -12.40 -14.31 -1.76
C PRO A 194 -13.57 -14.62 -0.80
N LYS A 195 -13.34 -15.26 0.33
CA LYS A 195 -14.39 -15.68 1.26
C LYS A 195 -15.30 -16.76 0.62
N ASP A 196 -16.31 -17.24 1.34
CA ASP A 196 -17.20 -18.28 0.82
C ASP A 196 -18.45 -17.72 0.15
N VAL A 197 -18.50 -16.43 -0.07
CA VAL A 197 -19.58 -15.85 -0.86
C VAL A 197 -18.93 -15.09 -2.00
N TRP A 198 -19.16 -15.52 -3.22
CA TRP A 198 -18.61 -14.85 -4.39
C TRP A 198 -19.65 -14.05 -5.15
N SER A 199 -19.53 -12.74 -5.07
CA SER A 199 -20.44 -11.86 -5.76
C SER A 199 -19.93 -11.58 -7.15
N VAL A 200 -20.50 -12.25 -8.12
CA VAL A 200 -20.10 -12.07 -9.51
C VAL A 200 -21.34 -12.20 -10.34
N SER A 201 -21.68 -11.16 -11.07
CA SER A 201 -22.92 -11.18 -11.81
C SER A 201 -23.03 -12.17 -12.92
N ARG A 202 -24.19 -12.78 -13.05
CA ARG A 202 -24.45 -13.64 -14.17
C ARG A 202 -24.17 -12.91 -15.47
N LEU A 203 -23.79 -13.65 -16.48
CA LEU A 203 -23.45 -13.07 -17.75
C LEU A 203 -24.67 -12.74 -18.59
N HIS A 204 -24.98 -11.46 -18.71
CA HIS A 204 -26.05 -11.01 -19.56
C HIS A 204 -25.91 -11.57 -20.96
N ARG A 205 -27.02 -11.70 -21.67
CA ARG A 205 -26.98 -12.22 -23.02
C ARG A 205 -26.04 -11.44 -23.97
N GLN A 206 -25.89 -10.14 -23.75
CA GLN A 206 -25.05 -9.32 -24.62
C GLN A 206 -23.68 -9.09 -24.07
N HIS A 207 -23.38 -9.71 -22.96
CA HIS A 207 -22.06 -9.59 -22.40
C HIS A 207 -21.01 -10.16 -23.36
N ALA A 208 -19.92 -9.44 -23.52
CA ALA A 208 -18.82 -9.92 -24.36
C ALA A 208 -18.51 -11.39 -24.20
N GLU A 209 -18.48 -11.89 -22.99
CA GLU A 209 -18.24 -13.29 -22.73
C GLU A 209 -19.33 -14.24 -23.16
N ARG A 210 -20.56 -13.77 -23.27
CA ARG A 210 -21.65 -14.69 -23.55
C ARG A 210 -21.59 -15.42 -24.87
N VAL A 211 -21.91 -16.69 -24.85
CA VAL A 211 -21.97 -17.49 -26.06
C VAL A 211 -23.35 -18.14 -26.06
N ASP A 212 -23.68 -18.90 -27.10
CA ASP A 212 -25.02 -19.46 -27.18
C ASP A 212 -25.23 -20.69 -26.32
N HIS A 213 -25.05 -20.52 -25.02
CA HIS A 213 -25.33 -21.57 -24.06
C HIS A 213 -26.30 -21.03 -23.01
N PRO A 214 -27.22 -21.86 -22.56
CA PRO A 214 -28.24 -21.37 -21.62
C PRO A 214 -27.74 -21.14 -20.20
N THR A 215 -26.77 -21.90 -19.74
CA THR A 215 -26.30 -21.84 -18.37
C THR A 215 -24.80 -21.58 -18.24
N GLN A 216 -24.34 -20.52 -18.85
CA GLN A 216 -22.94 -20.19 -18.82
C GLN A 216 -22.48 -19.80 -17.44
N LYS A 217 -21.18 -19.85 -17.24
CA LYS A 217 -20.63 -19.51 -15.97
C LYS A 217 -19.51 -18.52 -16.15
N PRO A 218 -19.56 -17.45 -15.39
CA PRO A 218 -18.52 -16.44 -15.47
C PRO A 218 -17.11 -17.06 -15.35
N LEU A 219 -16.22 -16.69 -16.25
CA LEU A 219 -14.85 -17.17 -16.17
C LEU A 219 -14.24 -16.78 -14.83
N GLU A 220 -14.57 -15.62 -14.34
CA GLU A 220 -14.05 -15.15 -13.06
C GLU A 220 -14.21 -16.21 -11.98
N ILE A 221 -15.35 -16.82 -11.88
CA ILE A 221 -15.59 -17.83 -10.85
C ILE A 221 -14.79 -19.10 -11.13
N ILE A 222 -14.88 -19.57 -12.36
CA ILE A 222 -14.20 -20.80 -12.75
C ILE A 222 -12.66 -20.71 -12.67
N GLU A 223 -12.10 -19.59 -13.09
CA GLU A 223 -10.68 -19.40 -13.04
C GLU A 223 -10.19 -19.42 -11.62
N ARG A 224 -10.85 -18.70 -10.74
CA ARG A 224 -10.48 -18.75 -9.33
C ARG A 224 -10.38 -20.20 -8.85
N MET A 225 -11.35 -21.01 -9.16
CA MET A 225 -11.32 -22.37 -8.69
C MET A 225 -10.11 -23.12 -9.27
N VAL A 226 -9.83 -22.88 -10.54
CA VAL A 226 -8.71 -23.54 -11.23
C VAL A 226 -7.37 -23.10 -10.66
N LEU A 227 -7.23 -21.84 -10.35
CA LEU A 227 -5.96 -21.32 -9.88
C LEU A 227 -5.63 -21.68 -8.45
N ALA A 228 -6.62 -21.93 -7.64
CA ALA A 228 -6.37 -22.18 -6.25
C ALA A 228 -6.32 -23.64 -5.88
N SER A 229 -6.87 -24.49 -6.72
CA SER A 229 -6.96 -25.89 -6.36
C SER A 229 -6.28 -26.86 -7.36
N CYS A 230 -5.81 -26.35 -8.48
CA CYS A 230 -5.07 -27.17 -9.44
C CYS A 230 -3.65 -26.66 -9.55
N PRO A 231 -2.72 -27.55 -9.23
CA PRO A 231 -1.33 -27.15 -9.38
C PRO A 231 -1.14 -26.75 -10.83
N PRO A 232 -0.40 -25.69 -11.05
CA PRO A 232 -0.11 -25.27 -12.41
C PRO A 232 0.39 -26.45 -13.25
N GLY A 233 -0.18 -26.63 -14.44
CA GLY A 233 0.16 -27.78 -15.25
C GLY A 233 -0.62 -29.01 -14.88
N GLY A 234 -1.34 -28.96 -13.77
CA GLY A 234 -2.15 -30.08 -13.34
C GLY A 234 -3.24 -30.36 -14.30
N ARG A 235 -3.98 -31.42 -14.04
CA ARG A 235 -5.11 -31.75 -14.89
C ARG A 235 -6.47 -31.50 -14.26
N VAL A 236 -7.30 -30.77 -14.98
CA VAL A 236 -8.67 -30.55 -14.50
C VAL A 236 -9.72 -31.26 -15.36
N LEU A 237 -10.59 -32.01 -14.72
CA LEU A 237 -11.69 -32.66 -15.42
C LEU A 237 -13.00 -31.93 -15.27
N ASP A 238 -13.70 -31.71 -16.36
CA ASP A 238 -15.03 -31.12 -16.30
C ASP A 238 -16.03 -32.09 -16.95
N PRO A 239 -16.73 -32.86 -16.12
CA PRO A 239 -17.64 -33.87 -16.67
C PRO A 239 -18.76 -33.35 -17.58
N PHE A 240 -19.13 -32.08 -17.48
CA PHE A 240 -20.17 -31.50 -18.30
C PHE A 240 -19.77 -30.07 -18.60
N MET A 241 -18.84 -29.91 -19.54
CA MET A 241 -18.25 -28.60 -19.81
C MET A 241 -19.05 -27.53 -20.54
N GLY A 242 -20.11 -27.91 -21.19
CA GLY A 242 -20.88 -26.96 -21.92
C GLY A 242 -20.09 -26.13 -22.87
N SER A 243 -19.89 -24.86 -22.58
CA SER A 243 -19.20 -23.95 -23.48
C SER A 243 -17.69 -23.94 -23.32
N GLY A 244 -17.16 -24.86 -22.54
CA GLY A 244 -15.74 -24.92 -22.29
C GLY A 244 -15.20 -23.80 -21.45
N THR A 245 -16.03 -23.26 -20.57
CA THR A 245 -15.58 -22.22 -19.70
C THR A 245 -14.37 -22.69 -18.91
N THR A 246 -14.42 -23.90 -18.40
CA THR A 246 -13.29 -24.44 -17.67
C THR A 246 -12.08 -24.63 -18.61
N ALA A 247 -12.33 -25.07 -19.84
CA ALA A 247 -11.28 -25.18 -20.83
C ALA A 247 -10.55 -23.88 -20.99
N VAL A 248 -11.29 -22.80 -21.28
CA VAL A 248 -10.69 -21.48 -21.37
C VAL A 248 -9.86 -21.16 -20.14
N ALA A 249 -10.39 -21.45 -18.97
CA ALA A 249 -9.69 -21.12 -17.74
C ALA A 249 -8.41 -21.86 -17.62
N CYS A 250 -8.35 -23.07 -18.16
CA CYS A 250 -7.18 -23.91 -18.06
C CYS A 250 -6.20 -23.50 -19.16
N ALA A 251 -6.72 -23.12 -20.31
CA ALA A 251 -5.89 -22.66 -21.39
C ALA A 251 -5.05 -21.56 -20.83
N ARG A 252 -5.65 -20.42 -20.52
CA ARG A 252 -4.91 -19.41 -19.83
C ARG A 252 -4.69 -20.01 -18.48
N GLN A 253 -3.84 -19.46 -17.68
CA GLN A 253 -3.50 -20.06 -16.38
C GLN A 253 -2.71 -21.37 -16.56
N GLY A 254 -2.53 -21.82 -17.79
CA GLY A 254 -1.73 -23.00 -18.06
C GLY A 254 -1.97 -24.25 -17.29
N ARG A 255 -3.13 -24.84 -17.51
CA ARG A 255 -3.42 -26.10 -16.85
C ARG A 255 -4.09 -27.05 -17.82
N ASP A 256 -4.00 -28.33 -17.49
CA ASP A 256 -4.58 -29.34 -18.34
C ASP A 256 -6.05 -29.51 -18.17
N PHE A 257 -6.68 -29.95 -19.24
CA PHE A 257 -8.09 -30.10 -19.20
C PHE A 257 -8.70 -31.23 -19.97
N VAL A 258 -9.54 -32.01 -19.32
CA VAL A 258 -10.32 -33.02 -19.99
C VAL A 258 -11.78 -32.59 -19.81
N GLY A 259 -12.59 -32.65 -20.86
CA GLY A 259 -13.98 -32.26 -20.78
C GLY A 259 -14.93 -32.95 -21.70
N TYR A 260 -16.11 -33.28 -21.21
CA TYR A 260 -17.11 -33.96 -22.00
C TYR A 260 -18.41 -33.17 -22.14
N GLU A 261 -18.96 -33.13 -23.35
CA GLU A 261 -20.22 -32.45 -23.60
C GLU A 261 -20.99 -33.15 -24.69
N ILE A 262 -22.12 -33.72 -24.36
CA ILE A 262 -22.95 -34.39 -25.33
C ILE A 262 -23.37 -33.51 -26.49
N ASN A 263 -23.79 -32.28 -26.21
CA ASN A 263 -24.19 -31.37 -27.26
C ASN A 263 -23.03 -31.03 -28.15
N GLU A 264 -23.20 -31.16 -29.44
CA GLU A 264 -22.10 -30.94 -30.36
C GLU A 264 -21.85 -29.48 -30.60
N SER A 265 -22.91 -28.71 -30.60
CA SER A 265 -22.78 -27.29 -30.80
C SER A 265 -21.99 -26.69 -29.64
N TYR A 266 -22.26 -27.17 -28.43
CA TYR A 266 -21.53 -26.67 -27.29
C TYR A 266 -20.05 -27.00 -27.47
N CYS A 267 -19.75 -28.23 -27.82
CA CYS A 267 -18.36 -28.65 -28.07
C CYS A 267 -17.79 -27.73 -29.12
N ALA A 268 -18.56 -27.46 -30.16
CA ALA A 268 -18.12 -26.52 -31.16
C ALA A 268 -17.75 -25.19 -30.53
N ILE A 269 -18.71 -24.51 -29.91
CA ILE A 269 -18.46 -23.22 -29.26
C ILE A 269 -17.21 -23.27 -28.42
N ALA A 270 -17.05 -24.34 -27.71
CA ALA A 270 -15.90 -24.48 -26.85
C ALA A 270 -14.60 -24.38 -27.62
N HIS A 271 -14.51 -25.12 -28.72
CA HIS A 271 -13.29 -25.11 -29.53
C HIS A 271 -13.02 -23.71 -29.94
N GLU A 272 -14.06 -23.05 -30.43
CA GLU A 272 -13.92 -21.68 -30.83
C GLU A 272 -13.37 -20.86 -29.68
N ARG A 273 -13.96 -21.01 -28.50
CA ARG A 273 -13.54 -20.23 -27.36
C ARG A 273 -12.08 -20.46 -27.00
N VAL A 274 -11.64 -21.69 -27.12
CA VAL A 274 -10.26 -22.01 -26.76
C VAL A 274 -9.29 -21.67 -27.90
N ASN A 275 -9.79 -21.58 -29.12
CA ASN A 275 -8.93 -21.26 -30.26
C ASN A 275 -8.95 -19.76 -30.57
N ALA A 276 -9.19 -18.92 -29.55
CA ALA A 276 -9.19 -17.47 -29.70
C ALA A 276 -8.27 -16.78 -28.70
N LEU A 277 -7.51 -17.56 -27.95
CA LEU A 277 -6.66 -17.01 -26.90
C LEU A 277 -5.19 -16.80 -27.26
N LEU D 29 -7.41 28.61 -17.42
CA LEU D 29 -6.07 28.11 -17.24
C LEU D 29 -5.53 27.56 -18.54
N PRO D 30 -4.29 27.89 -18.87
CA PRO D 30 -3.70 27.43 -20.13
C PRO D 30 -3.75 25.94 -20.29
N SER D 31 -3.89 25.50 -21.53
CA SER D 31 -3.93 24.08 -21.81
C SER D 31 -2.62 23.42 -21.39
N GLY D 32 -2.71 22.14 -21.02
CA GLY D 32 -1.57 21.34 -20.64
C GLY D 32 -1.21 21.41 -19.16
N ILE D 33 -1.43 22.56 -18.52
CA ILE D 33 -1.11 22.73 -17.11
C ILE D 33 -2.32 22.32 -16.27
N GLU D 34 -2.10 21.41 -15.34
CA GLU D 34 -3.15 20.99 -14.43
C GLU D 34 -2.79 21.24 -12.98
N LEU D 35 -3.68 21.93 -12.28
CA LEU D 35 -3.46 22.24 -10.89
C LEU D 35 -4.63 21.79 -10.05
N HIS D 36 -4.41 21.01 -9.00
CA HIS D 36 -5.48 20.45 -8.20
C HIS D 36 -5.27 20.78 -6.74
N ASN D 37 -6.31 21.20 -6.04
CA ASN D 37 -6.23 21.47 -4.62
C ASN D 37 -6.44 20.17 -3.87
N ARG D 38 -5.60 19.18 -4.12
CA ARG D 38 -5.78 17.89 -3.48
C ARG D 38 -4.49 17.30 -2.94
N ASP D 39 -4.59 16.28 -2.09
CA ASP D 39 -3.42 15.69 -1.49
C ASP D 39 -2.80 14.67 -2.38
N PHE D 40 -1.53 14.83 -2.64
CA PHE D 40 -0.84 13.91 -3.45
C PHE D 40 -1.00 12.56 -2.85
N LEU D 41 -0.88 12.48 -1.55
CA LEU D 41 -0.91 11.18 -0.90
C LEU D 41 -2.25 10.47 -1.10
N THR D 42 -3.24 11.16 -1.67
CA THR D 42 -4.51 10.55 -1.95
C THR D 42 -4.69 10.40 -3.43
N ASP D 43 -4.61 11.48 -4.18
CA ASP D 43 -4.83 11.45 -5.62
C ASP D 43 -3.68 10.76 -6.38
N ALA D 44 -2.64 10.29 -5.67
CA ALA D 44 -1.52 9.64 -6.35
C ALA D 44 -1.98 8.49 -7.25
N ALA D 45 -3.09 7.83 -6.89
CA ALA D 45 -3.58 6.72 -7.68
C ALA D 45 -3.93 7.16 -9.09
N HIS D 46 -4.68 8.25 -9.22
CA HIS D 46 -4.94 8.81 -10.54
C HIS D 46 -3.61 9.17 -11.22
N LEU D 47 -3.71 9.60 -12.48
CA LEU D 47 -2.50 9.83 -13.27
C LEU D 47 -1.79 8.50 -13.48
N PRO D 48 -1.68 8.03 -14.72
CA PRO D 48 -1.09 6.71 -14.95
C PRO D 48 0.36 6.67 -14.50
N ASP D 49 0.86 5.45 -14.37
CA ASP D 49 2.29 5.25 -14.13
C ASP D 49 3.04 5.23 -15.44
N ALA D 50 4.35 5.48 -15.35
CA ALA D 50 5.20 5.64 -16.53
C ALA D 50 4.67 6.75 -17.43
N SER D 51 4.16 7.81 -16.81
CA SER D 51 3.50 8.88 -17.54
C SER D 51 4.15 10.24 -17.32
N ILE D 52 5.20 10.34 -16.51
CA ILE D 52 5.82 11.62 -16.18
C ILE D 52 7.31 11.54 -16.48
N ASP D 53 7.83 12.53 -17.20
CA ASP D 53 9.24 12.56 -17.56
C ASP D 53 10.11 13.15 -16.48
N LEU D 54 9.54 13.94 -15.57
CA LEU D 54 10.36 14.59 -14.56
C LEU D 54 9.47 15.01 -13.40
N ILE D 55 9.99 14.83 -12.19
CA ILE D 55 9.32 15.27 -10.96
C ILE D 55 10.16 16.36 -10.33
N VAL D 56 9.51 17.47 -9.98
CA VAL D 56 10.19 18.59 -9.34
C VAL D 56 9.61 18.70 -7.94
N ALA D 57 10.28 18.06 -7.00
CA ALA D 57 9.73 18.01 -5.66
C ALA D 57 10.34 18.97 -4.65
N ASP D 58 9.51 19.88 -4.16
CA ASP D 58 9.93 20.79 -3.11
C ASP D 58 9.07 20.43 -1.94
N PRO D 59 9.39 19.32 -1.30
CA PRO D 59 8.55 18.84 -0.22
C PRO D 59 8.84 19.52 1.09
N PRO D 60 7.91 19.37 2.06
CA PRO D 60 8.25 19.93 3.37
C PRO D 60 9.59 19.43 3.85
N TYR D 61 10.43 20.34 4.30
CA TYR D 61 11.79 19.98 4.71
C TYR D 61 11.92 19.29 6.05
N GLY D 62 10.98 19.51 6.94
CA GLY D 62 11.07 18.97 8.28
C GLY D 62 11.20 20.09 9.28
N LEU D 63 11.59 21.28 8.83
CA LEU D 63 11.74 22.42 9.68
C LEU D 63 10.42 23.09 9.91
N GLY D 64 9.89 23.00 11.12
CA GLY D 64 8.58 23.56 11.42
C GLY D 64 8.21 24.85 10.75
N LYS D 65 7.17 24.82 9.95
CA LYS D 65 6.70 26.02 9.27
C LYS D 65 5.19 25.99 9.23
N ASP D 66 4.57 27.09 8.88
CA ASP D 66 3.13 27.08 8.82
C ASP D 66 2.62 26.34 7.60
N TYR D 67 2.82 26.90 6.41
CA TYR D 67 2.31 26.29 5.18
C TYR D 67 0.79 26.27 5.11
N GLY D 68 0.13 26.66 6.18
CA GLY D 68 -1.31 26.66 6.20
C GLY D 68 -1.85 25.37 6.74
N ASN D 69 -0.97 24.41 6.93
CA ASN D 69 -1.37 23.12 7.39
C ASN D 69 -0.39 22.73 8.46
N ASP D 70 -0.12 21.46 8.57
CA ASP D 70 0.84 21.00 9.52
C ASP D 70 1.83 20.11 8.82
N SER D 71 2.02 20.34 7.53
CA SER D 71 2.87 19.46 6.75
C SER D 71 4.31 19.40 7.22
N ASP D 72 4.94 20.55 7.44
CA ASP D 72 6.36 20.53 7.79
C ASP D 72 6.56 20.45 9.30
N LYS D 73 5.48 20.22 10.02
CA LYS D 73 5.56 20.10 11.46
C LYS D 73 5.86 18.68 11.91
N ARG D 74 6.74 17.99 11.18
CA ARG D 74 7.15 16.63 11.47
C ARG D 74 8.60 16.64 11.94
N SER D 75 9.13 15.46 12.23
CA SER D 75 10.49 15.41 12.76
C SER D 75 11.03 13.99 12.70
N GLY D 76 12.33 13.89 12.52
CA GLY D 76 13.02 12.62 12.71
C GLY D 76 12.36 11.52 11.92
N ASP D 77 12.13 10.39 12.60
CA ASP D 77 11.70 9.17 11.92
C ASP D 77 10.29 9.31 11.35
N ASP D 78 9.41 10.06 12.01
CA ASP D 78 8.09 10.27 11.47
C ASP D 78 8.16 10.97 10.11
N PHE D 79 8.83 12.13 10.07
CA PHE D 79 8.97 12.84 8.80
C PHE D 79 9.65 11.98 7.75
N LEU D 80 10.73 11.28 8.13
CA LEU D 80 11.39 10.36 7.20
C LEU D 80 10.41 9.34 6.64
N ALA D 81 9.54 8.79 7.46
CA ALA D 81 8.64 7.78 6.97
C ALA D 81 7.60 8.38 6.06
N TRP D 82 7.23 9.63 6.31
CA TRP D 82 6.28 10.30 5.44
C TRP D 82 6.93 10.56 4.12
N THR D 83 8.17 11.00 4.16
CA THR D 83 8.88 11.30 2.95
C THR D 83 9.19 10.01 2.22
N ARG D 84 9.64 8.99 2.95
CA ARG D 84 9.84 7.69 2.31
C ARG D 84 8.55 7.14 1.73
N GLU D 85 7.40 7.55 2.30
CA GLU D 85 6.12 7.09 1.81
C GLU D 85 5.76 7.76 0.50
N TRP D 86 5.63 9.09 0.50
CA TRP D 86 5.20 9.78 -0.71
C TRP D 86 6.15 9.56 -1.86
N LEU D 87 7.45 9.38 -1.58
CA LEU D 87 8.39 9.01 -2.63
C LEU D 87 7.98 7.70 -3.29
N GLU D 88 7.68 6.69 -2.47
CA GLU D 88 7.29 5.39 -3.00
C GLU D 88 6.00 5.51 -3.81
N LEU D 89 5.07 6.34 -3.37
CA LEU D 89 3.83 6.54 -4.10
C LEU D 89 4.02 7.38 -5.35
N ALA D 90 5.22 7.94 -5.53
CA ALA D 90 5.51 8.86 -6.63
C ALA D 90 6.46 8.28 -7.66
N ILE D 91 7.51 7.59 -7.24
CA ILE D 91 8.53 7.08 -8.16
C ILE D 91 7.89 6.25 -9.27
N PRO D 92 6.93 5.37 -8.96
CA PRO D 92 6.26 4.59 -10.02
C PRO D 92 5.72 5.46 -11.15
N LYS D 93 5.32 6.69 -10.85
CA LYS D 93 4.70 7.55 -11.85
C LYS D 93 5.70 8.12 -12.84
N LEU D 94 7.00 7.91 -12.64
CA LEU D 94 7.99 8.39 -13.59
C LEU D 94 7.93 7.53 -14.85
N LYS D 95 8.81 7.80 -15.80
CA LYS D 95 8.97 6.97 -16.98
C LYS D 95 10.35 6.33 -16.95
N PRO D 96 10.57 5.29 -17.75
CA PRO D 96 11.91 4.68 -17.80
C PRO D 96 13.02 5.72 -17.99
N SER D 97 12.70 6.85 -18.60
CA SER D 97 13.67 7.92 -18.79
C SER D 97 13.60 8.99 -17.70
N GLY D 98 12.46 9.14 -17.05
CA GLY D 98 12.23 10.21 -16.10
C GLY D 98 13.35 10.49 -15.13
N SER D 99 13.50 11.74 -14.73
CA SER D 99 14.42 12.16 -13.68
C SER D 99 13.60 12.70 -12.52
N MET D 100 14.27 13.17 -11.48
CA MET D 100 13.59 13.78 -10.34
C MET D 100 14.55 14.70 -9.60
N TYR D 101 14.03 15.84 -9.15
CA TYR D 101 14.73 16.75 -8.27
C TYR D 101 13.93 16.84 -6.98
N ILE D 102 14.57 16.65 -5.84
CA ILE D 102 13.92 16.75 -4.55
C ILE D 102 14.75 17.67 -3.64
N PHE D 103 14.14 18.74 -3.20
CA PHE D 103 14.80 19.65 -2.28
C PHE D 103 14.72 19.12 -0.87
N CYS D 104 15.73 19.39 -0.08
CA CYS D 104 15.75 18.95 1.30
C CYS D 104 16.82 19.66 2.10
N THR D 105 16.72 19.60 3.42
CA THR D 105 17.74 20.18 4.28
C THR D 105 18.84 19.19 4.54
N TRP D 106 20.04 19.68 4.80
CA TRP D 106 21.16 18.84 5.11
C TRP D 106 20.88 17.98 6.31
N GLN D 107 19.86 18.34 7.05
CA GLN D 107 19.53 17.61 8.25
C GLN D 107 18.98 16.25 7.91
N TYR D 108 17.88 16.21 7.17
CA TYR D 108 17.27 14.96 6.78
C TYR D 108 17.69 14.45 5.40
N ALA D 109 18.77 14.98 4.88
CA ALA D 109 19.21 14.59 3.56
C ALA D 109 20.00 13.31 3.52
N PRO D 110 21.02 13.20 4.37
CA PRO D 110 21.84 12.01 4.23
C PRO D 110 21.00 10.73 4.15
N GLU D 111 19.90 10.70 4.89
CA GLU D 111 19.08 9.51 4.91
C GLU D 111 18.13 9.45 3.72
N ILE D 112 17.60 10.59 3.31
CA ILE D 112 16.73 10.63 2.15
C ILE D 112 17.48 10.22 0.91
N PHE D 113 18.73 10.64 0.79
CA PHE D 113 19.52 10.30 -0.38
C PHE D 113 19.92 8.85 -0.32
N SER D 114 20.21 8.36 0.89
CA SER D 114 20.55 6.95 1.05
C SER D 114 19.38 6.09 0.63
N PHE D 115 18.20 6.44 1.07
CA PHE D 115 17.04 5.69 0.69
C PHE D 115 16.87 5.72 -0.78
N LEU D 116 16.85 6.90 -1.35
CA LEU D 116 16.56 7.00 -2.76
C LEU D 116 17.62 6.35 -3.62
N LYS D 117 18.82 6.18 -3.08
CA LYS D 117 19.84 5.49 -3.84
C LYS D 117 19.52 4.00 -3.93
N THR D 118 18.83 3.45 -2.94
CA THR D 118 18.39 2.06 -2.99
C THR D 118 17.36 1.91 -4.07
N GLN D 119 16.74 3.00 -4.44
CA GLN D 119 15.72 2.98 -5.47
C GLN D 119 16.23 3.44 -6.85
N LEU D 120 16.45 4.74 -7.05
CA LEU D 120 16.84 5.25 -8.36
C LEU D 120 18.33 5.53 -8.40
N THR D 121 18.78 6.19 -9.47
CA THR D 121 20.18 6.51 -9.67
C THR D 121 20.41 7.99 -9.36
N MET D 122 21.41 8.26 -8.53
CA MET D 122 21.78 9.63 -8.24
C MET D 122 22.79 10.12 -9.26
N VAL D 123 22.36 11.05 -10.08
CA VAL D 123 23.21 11.59 -11.12
C VAL D 123 24.01 12.74 -10.57
N ASN D 124 23.41 13.50 -9.67
CA ASN D 124 24.07 14.67 -9.12
C ASN D 124 23.56 15.12 -7.78
N GLU D 125 24.36 15.92 -7.08
CA GLU D 125 23.90 16.56 -5.85
C GLU D 125 24.06 18.06 -6.06
N ILE D 126 22.98 18.73 -6.38
CA ILE D 126 23.00 20.15 -6.57
C ILE D 126 22.82 20.88 -5.26
N ILE D 127 23.69 21.83 -5.02
CA ILE D 127 23.59 22.64 -3.82
C ILE D 127 23.07 24.03 -4.16
N TRP D 128 21.89 24.36 -3.70
CA TRP D 128 21.36 25.70 -3.93
C TRP D 128 21.96 26.64 -2.91
N ASP D 129 22.87 27.47 -3.38
CA ASP D 129 23.51 28.46 -2.51
C ASP D 129 22.59 29.67 -2.47
N ARG D 130 21.83 29.79 -1.42
CA ARG D 130 20.84 30.84 -1.35
C ARG D 130 21.40 32.21 -1.13
N ARG D 131 22.69 32.31 -0.91
CA ARG D 131 23.36 33.61 -0.65
CA ARG D 131 23.35 33.61 -0.66
C ARG D 131 23.02 34.37 0.71
N VAL D 132 21.74 34.52 0.96
CA VAL D 132 21.32 35.16 2.22
C VAL D 132 21.14 34.08 3.24
N PRO D 133 21.87 34.15 4.34
CA PRO D 133 21.83 33.05 5.30
C PRO D 133 20.56 33.10 6.11
N SER D 134 20.18 31.94 6.63
CA SER D 134 19.10 31.90 7.60
C SER D 134 19.46 32.84 8.74
N MET D 135 18.47 33.23 9.53
CA MET D 135 18.74 34.03 10.72
C MET D 135 18.50 33.18 11.95
N GLY D 136 18.55 33.82 13.11
CA GLY D 136 18.41 33.09 14.36
C GLY D 136 19.06 33.83 15.50
N GLY D 137 20.38 33.74 15.58
CA GLY D 137 21.13 34.44 16.61
C GLY D 137 22.32 33.64 17.08
N THR D 138 22.43 32.40 16.62
CA THR D 138 23.43 31.49 17.17
C THR D 138 24.84 31.89 16.75
N THR D 139 25.81 31.57 17.64
CA THR D 139 27.22 31.69 17.33
C THR D 139 27.95 30.37 17.61
N ARG D 140 27.22 29.27 17.70
CA ARG D 140 27.79 27.98 18.07
C ARG D 140 27.82 27.01 16.90
N ARG D 141 27.67 27.50 15.68
CA ARG D 141 27.76 26.68 14.49
C ARG D 141 27.76 27.61 13.29
N PHE D 142 27.99 27.04 12.11
CA PHE D 142 27.99 27.85 10.91
C PHE D 142 26.57 28.07 10.40
N THR D 143 26.29 29.29 9.96
CA THR D 143 24.93 29.67 9.59
C THR D 143 24.51 29.00 8.27
N SER D 144 23.24 28.64 8.20
CA SER D 144 22.68 27.91 7.05
C SER D 144 22.45 28.84 5.88
N VAL D 145 22.87 28.43 4.68
CA VAL D 145 22.75 29.28 3.51
C VAL D 145 22.59 28.46 2.23
N HIS D 146 22.61 27.14 2.37
CA HIS D 146 22.38 26.24 1.24
C HIS D 146 21.24 25.27 1.53
N ASP D 147 20.52 24.89 0.49
CA ASP D 147 19.52 23.86 0.60
C ASP D 147 20.08 22.76 -0.28
N ASN D 148 19.69 21.51 -0.02
CA ASN D 148 20.24 20.40 -0.77
C ASN D 148 19.24 19.89 -1.79
N ILE D 149 19.73 19.50 -2.95
CA ILE D 149 18.88 18.99 -4.00
C ILE D 149 19.41 17.68 -4.55
N GLY D 150 18.59 16.64 -4.48
CA GLY D 150 18.97 15.35 -5.01
C GLY D 150 18.46 15.19 -6.43
N PHE D 151 19.39 14.94 -7.35
CA PHE D 151 19.08 14.70 -8.76
C PHE D 151 19.16 13.20 -9.03
N PHE D 152 18.01 12.56 -9.22
CA PHE D 152 17.92 11.12 -9.42
C PHE D 152 17.27 10.80 -10.76
N ALA D 153 17.66 9.66 -11.33
CA ALA D 153 17.10 9.17 -12.58
C ALA D 153 16.66 7.72 -12.40
N VAL D 154 15.82 7.22 -13.31
CA VAL D 154 15.37 5.83 -13.26
C VAL D 154 16.43 4.93 -13.85
N SER D 155 17.04 5.35 -14.94
CA SER D 155 18.04 4.55 -15.59
C SER D 155 19.26 5.33 -16.06
N ARG D 156 20.19 4.66 -16.71
CA ARG D 156 21.35 5.33 -17.26
C ARG D 156 20.97 6.10 -18.47
N ALA D 157 19.78 5.83 -18.98
CA ALA D 157 19.33 6.48 -20.18
C ALA D 157 18.29 7.51 -19.84
N TYR D 158 18.60 8.35 -18.86
CA TYR D 158 17.70 9.42 -18.54
C TYR D 158 17.75 10.48 -19.61
N TYR D 159 16.66 11.18 -19.79
CA TYR D 159 16.68 12.27 -20.72
C TYR D 159 17.40 13.43 -20.08
N PHE D 160 18.40 13.96 -20.75
CA PHE D 160 19.08 15.15 -20.26
C PHE D 160 19.60 16.01 -21.39
N ASP D 161 19.21 17.29 -21.39
CA ASP D 161 19.70 18.22 -22.40
C ASP D 161 20.40 19.41 -21.77
N LEU D 162 21.71 19.44 -21.84
CA LEU D 162 22.46 20.51 -21.20
C LEU D 162 22.27 21.83 -21.94
N ASP D 163 22.26 21.80 -23.27
CA ASP D 163 22.32 23.02 -24.08
C ASP D 163 21.31 24.08 -23.67
N PRO D 164 20.06 23.72 -23.43
CA PRO D 164 19.11 24.79 -23.09
C PRO D 164 19.39 25.48 -21.75
N VAL D 165 20.19 24.86 -20.89
CA VAL D 165 20.48 25.40 -19.56
C VAL D 165 21.89 25.90 -19.44
N ARG D 166 22.60 25.94 -20.54
CA ARG D 166 23.96 26.45 -20.54
C ARG D 166 23.93 27.94 -20.23
N ILE D 167 25.03 28.43 -19.69
CA ILE D 167 25.08 29.83 -19.30
C ILE D 167 26.02 30.55 -20.20
N PRO D 168 25.45 31.45 -20.99
CA PRO D 168 26.25 32.21 -21.93
C PRO D 168 27.08 33.22 -21.20
N TYR D 169 28.34 33.36 -21.58
CA TYR D 169 29.19 34.33 -20.97
C TYR D 169 28.94 35.72 -21.52
N ASP D 170 29.11 36.75 -20.71
CA ASP D 170 28.99 38.11 -21.19
C ASP D 170 30.25 38.44 -21.94
N ALA D 171 30.26 39.56 -22.63
CA ALA D 171 31.41 39.87 -23.47
C ALA D 171 32.70 39.90 -22.66
N ASP D 172 32.70 40.61 -21.54
CA ASP D 172 33.92 40.74 -20.76
C ASP D 172 34.44 39.37 -20.33
N THR D 173 33.55 38.49 -19.89
CA THR D 173 33.96 37.22 -19.31
C THR D 173 34.35 36.17 -20.35
N LYS D 174 33.75 36.22 -21.54
CA LYS D 174 34.21 35.36 -22.61
C LYS D 174 35.63 35.75 -23.04
N LYS D 175 35.84 37.04 -23.32
CA LYS D 175 37.19 37.51 -23.65
C LYS D 175 38.20 37.05 -22.60
N ALA D 176 37.76 36.97 -21.34
CA ALA D 176 38.65 36.54 -20.27
C ALA D 176 38.82 35.04 -20.27
N ARG D 177 37.80 34.30 -20.70
CA ARG D 177 37.85 32.84 -20.71
C ARG D 177 38.30 32.26 -22.04
N SER D 178 38.52 33.10 -23.05
CA SER D 178 38.92 32.60 -24.36
C SER D 178 40.42 32.32 -24.38
N ARG D 179 40.79 31.21 -25.02
CA ARG D 179 42.19 30.90 -25.24
C ARG D 179 42.30 30.02 -26.47
N LYS D 180 43.42 30.14 -27.17
CA LYS D 180 43.63 29.35 -28.38
C LYS D 180 43.25 27.88 -28.15
N LEU D 181 43.66 27.32 -27.02
CA LEU D 181 43.27 25.94 -26.72
C LEU D 181 41.76 25.79 -26.64
N PHE D 182 41.05 26.82 -26.16
CA PHE D 182 39.61 26.73 -25.97
C PHE D 182 38.81 27.28 -27.14
N GLU D 183 39.47 27.95 -28.09
CA GLU D 183 38.77 28.57 -29.21
C GLU D 183 37.93 27.54 -29.94
N GLY D 184 36.61 27.59 -29.76
CA GLY D 184 35.68 26.72 -30.47
C GLY D 184 34.86 25.79 -29.59
N SER D 185 35.27 25.58 -28.33
CA SER D 185 34.55 24.67 -27.46
C SER D 185 33.11 25.13 -27.28
N LYS D 186 32.21 24.17 -27.12
CA LYS D 186 30.81 24.52 -26.94
C LYS D 186 30.58 25.26 -25.62
N TRP D 187 31.33 24.92 -24.56
CA TRP D 187 31.14 25.60 -23.29
C TRP D 187 31.52 27.08 -23.38
N LEU D 188 32.42 27.44 -24.29
CA LEU D 188 32.84 28.83 -24.41
C LEU D 188 31.88 29.63 -25.29
N GLU D 189 31.45 29.08 -26.40
CA GLU D 189 30.63 29.84 -27.35
C GLU D 189 29.15 29.77 -27.10
N MET D 190 28.69 28.67 -26.56
CA MET D 190 27.28 28.51 -26.31
C MET D 190 26.91 28.70 -24.85
N GLY D 191 27.79 28.27 -23.96
CA GLY D 191 27.54 28.39 -22.55
C GLY D 191 28.20 27.34 -21.69
N TYR D 192 28.37 27.64 -20.41
CA TYR D 192 29.00 26.68 -19.52
C TYR D 192 28.00 25.93 -18.69
N ASN D 193 28.45 24.82 -18.12
CA ASN D 193 27.59 24.01 -17.26
C ASN D 193 27.28 24.74 -15.97
N PRO D 194 26.00 24.82 -15.64
CA PRO D 194 25.60 25.48 -14.40
C PRO D 194 26.34 24.94 -13.19
N LYS D 195 26.89 23.75 -13.27
CA LYS D 195 27.66 23.14 -12.21
C LYS D 195 26.82 22.58 -11.06
N ASP D 196 27.47 22.01 -10.06
CA ASP D 196 26.79 21.39 -8.92
C ASP D 196 26.22 22.42 -7.98
N VAL D 197 26.91 23.53 -7.85
CA VAL D 197 26.44 24.59 -6.97
C VAL D 197 25.72 25.69 -7.72
N TRP D 198 24.52 26.01 -7.28
CA TRP D 198 23.75 27.06 -7.90
C TRP D 198 23.57 28.25 -6.97
N SER D 199 24.29 29.33 -7.23
CA SER D 199 24.22 30.51 -6.40
C SER D 199 23.17 31.49 -6.86
N VAL D 200 21.95 31.28 -6.45
CA VAL D 200 20.88 32.16 -6.77
C VAL D 200 20.28 32.63 -5.46
N SER D 201 20.15 33.93 -5.29
CA SER D 201 19.63 34.45 -4.04
C SER D 201 18.19 34.16 -3.82
N ARG D 202 17.83 33.86 -2.59
CA ARG D 202 16.46 33.67 -2.24
C ARG D 202 15.66 34.88 -2.55
N LEU D 203 14.38 34.69 -2.72
CA LEU D 203 13.51 35.78 -3.05
C LEU D 203 13.14 36.59 -1.83
N HIS D 204 13.50 37.86 -1.85
CA HIS D 204 13.20 38.76 -0.76
C HIS D 204 11.74 39.03 -0.76
N ARG D 205 11.19 39.37 0.39
CA ARG D 205 9.76 39.55 0.50
C ARG D 205 9.25 40.58 -0.47
N GLN D 206 10.04 41.62 -0.68
CA GLN D 206 9.64 42.68 -1.56
C GLN D 206 10.09 42.45 -3.00
N HIS D 207 10.64 41.29 -3.30
CA HIS D 207 11.06 40.97 -4.65
C HIS D 207 9.87 40.86 -5.59
N ALA D 208 10.02 41.41 -6.77
CA ALA D 208 8.96 41.38 -7.75
C ALA D 208 8.34 40.00 -7.93
N GLU D 209 9.14 38.97 -7.99
CA GLU D 209 8.65 37.60 -8.13
C GLU D 209 7.97 37.05 -6.91
N ARG D 210 8.08 37.71 -5.77
CA ARG D 210 7.55 37.13 -4.55
C ARG D 210 6.05 37.18 -4.42
N VAL D 211 5.50 36.14 -3.82
CA VAL D 211 4.09 36.08 -3.59
C VAL D 211 3.92 35.62 -2.15
N ASP D 212 2.71 35.42 -1.69
CA ASP D 212 2.50 35.08 -0.29
C ASP D 212 2.62 33.62 0.00
N HIS D 213 3.84 33.12 0.01
CA HIS D 213 4.08 31.74 0.36
C HIS D 213 5.32 31.82 1.20
N PRO D 214 5.44 30.96 2.20
CA PRO D 214 6.57 31.06 3.12
C PRO D 214 7.89 30.55 2.57
N THR D 215 7.86 29.63 1.64
CA THR D 215 9.08 29.03 1.14
C THR D 215 9.18 29.03 -0.36
N GLN D 216 8.96 30.20 -0.98
CA GLN D 216 9.00 30.30 -2.42
C GLN D 216 10.35 30.04 -2.97
N LYS D 217 10.39 29.37 -4.10
CA LYS D 217 11.63 29.06 -4.70
C LYS D 217 11.82 29.86 -5.96
N PRO D 218 13.06 30.26 -6.24
CA PRO D 218 13.28 31.09 -7.41
C PRO D 218 13.00 30.36 -8.72
N LEU D 219 12.32 30.99 -9.65
CA LEU D 219 12.11 30.36 -10.94
C LEU D 219 13.39 30.00 -11.65
N GLU D 220 14.45 30.74 -11.41
CA GLU D 220 15.68 30.53 -12.15
C GLU D 220 16.27 29.15 -11.93
N ILE D 221 15.95 28.49 -10.81
CA ILE D 221 16.49 27.15 -10.55
C ILE D 221 15.45 26.11 -10.93
N ILE D 222 14.18 26.45 -10.79
CA ILE D 222 13.11 25.55 -11.24
C ILE D 222 13.18 25.39 -12.75
N GLU D 223 13.19 26.46 -13.50
CA GLU D 223 13.19 26.39 -14.96
C GLU D 223 14.39 25.62 -15.48
N ARG D 224 15.53 25.79 -14.88
CA ARG D 224 16.71 25.04 -15.29
C ARG D 224 16.42 23.57 -15.15
N MET D 225 15.76 23.20 -14.08
CA MET D 225 15.44 21.81 -13.89
C MET D 225 14.48 21.37 -14.98
N VAL D 226 13.47 22.17 -15.26
CA VAL D 226 12.48 21.79 -16.27
C VAL D 226 13.13 21.64 -17.62
N LEU D 227 13.95 22.61 -18.02
CA LEU D 227 14.56 22.56 -19.35
C LEU D 227 15.58 21.43 -19.46
N ALA D 228 16.40 21.23 -18.43
CA ALA D 228 17.50 20.28 -18.51
C ALA D 228 17.04 18.83 -18.45
N SER D 229 15.85 18.55 -17.92
CA SER D 229 15.45 17.19 -17.62
C SER D 229 14.05 16.83 -18.08
N CYS D 230 13.35 17.71 -18.82
CA CYS D 230 12.07 17.28 -19.38
C CYS D 230 11.94 17.70 -20.84
N PRO D 231 11.70 16.75 -21.75
CA PRO D 231 11.69 17.08 -23.17
C PRO D 231 10.65 18.14 -23.46
N PRO D 232 10.91 19.04 -24.42
CA PRO D 232 9.89 20.01 -24.81
C PRO D 232 8.61 19.29 -25.20
N GLY D 233 7.54 19.54 -24.45
CA GLY D 233 6.30 18.84 -24.66
C GLY D 233 6.06 17.69 -23.69
N GLY D 234 7.03 17.36 -22.86
CA GLY D 234 6.82 16.36 -21.82
C GLY D 234 5.89 16.86 -20.73
N ARG D 235 5.67 16.00 -19.74
CA ARG D 235 4.84 16.34 -18.59
C ARG D 235 5.67 16.26 -17.32
N VAL D 236 5.43 17.21 -16.42
CA VAL D 236 6.21 17.36 -15.20
C VAL D 236 5.25 17.28 -14.00
N LEU D 237 5.71 16.63 -12.92
CA LEU D 237 4.90 16.44 -11.72
C LEU D 237 5.54 17.15 -10.53
N ASP D 238 4.74 17.90 -9.80
CA ASP D 238 5.19 18.52 -8.55
C ASP D 238 4.13 18.20 -7.52
N PRO D 239 4.41 17.24 -6.68
CA PRO D 239 3.45 16.83 -5.67
C PRO D 239 3.03 17.92 -4.69
N PHE D 240 3.94 18.83 -4.37
CA PHE D 240 3.65 19.88 -3.41
C PHE D 240 4.02 21.19 -4.07
N MET D 241 3.16 21.69 -4.92
CA MET D 241 3.49 22.86 -5.72
C MET D 241 3.44 24.27 -5.10
N GLY D 242 2.72 24.45 -4.03
CA GLY D 242 2.68 25.75 -3.39
C GLY D 242 2.18 26.89 -4.21
N SER D 243 3.07 27.78 -4.62
CA SER D 243 2.66 28.96 -5.34
C SER D 243 2.63 28.75 -6.84
N GLY D 244 2.96 27.55 -7.28
CA GLY D 244 2.92 27.25 -8.70
C GLY D 244 4.17 27.58 -9.45
N THR D 245 5.29 27.66 -8.75
CA THR D 245 6.53 28.05 -9.38
C THR D 245 6.84 27.10 -10.52
N THR D 246 6.71 25.80 -10.28
CA THR D 246 6.95 24.80 -11.34
C THR D 246 5.90 24.88 -12.45
N ALA D 247 4.70 25.29 -12.13
CA ALA D 247 3.69 25.50 -13.15
C ALA D 247 4.10 26.60 -14.08
N VAL D 248 4.34 27.78 -13.51
CA VAL D 248 4.75 28.92 -14.29
C VAL D 248 5.88 28.59 -15.23
N ALA D 249 6.80 27.79 -14.76
CA ALA D 249 7.94 27.47 -15.59
C ALA D 249 7.51 26.61 -16.75
N CYS D 250 6.71 25.60 -16.47
CA CYS D 250 6.26 24.68 -17.50
C CYS D 250 5.48 25.43 -18.55
N ALA D 251 4.66 26.37 -18.11
CA ALA D 251 3.89 27.16 -19.03
C ALA D 251 4.70 28.21 -19.73
N ARG D 252 5.96 28.31 -19.42
CA ARG D 252 6.78 29.33 -20.01
C ARG D 252 7.81 28.66 -20.86
N GLN D 253 8.01 27.37 -20.63
CA GLN D 253 9.05 26.66 -21.36
C GLN D 253 8.48 25.51 -22.18
N GLY D 254 7.17 25.54 -22.44
CA GLY D 254 6.56 24.51 -23.25
C GLY D 254 6.65 23.11 -22.67
N ARG D 255 6.17 22.93 -21.43
CA ARG D 255 6.12 21.61 -20.81
C ARG D 255 4.80 21.43 -20.09
N ASP D 256 4.22 20.25 -20.21
CA ASP D 256 2.97 19.95 -19.52
C ASP D 256 3.19 19.75 -18.03
N PHE D 257 2.24 20.24 -17.24
CA PHE D 257 2.39 20.26 -15.80
C PHE D 257 1.15 19.68 -15.13
N VAL D 258 1.38 18.99 -14.02
CA VAL D 258 0.33 18.59 -13.10
C VAL D 258 0.90 18.70 -11.68
N GLY D 259 0.19 19.40 -10.82
CA GLY D 259 0.64 19.56 -9.48
C GLY D 259 -0.43 19.68 -8.44
N TYR D 260 -0.07 19.35 -7.21
CA TYR D 260 -1.03 19.36 -6.14
C TYR D 260 -0.63 20.25 -4.98
N GLU D 261 -1.60 20.91 -4.38
CA GLU D 261 -1.35 21.72 -3.23
C GLU D 261 -2.59 21.69 -2.39
N ILE D 262 -2.44 21.30 -1.15
CA ILE D 262 -3.57 21.27 -0.26
C ILE D 262 -4.20 22.63 -0.04
N ASN D 263 -3.43 23.70 0.06
CA ASN D 263 -3.98 25.01 0.38
C ASN D 263 -4.58 25.75 -0.76
N GLU D 264 -5.80 26.22 -0.55
CA GLU D 264 -6.49 26.94 -1.61
C GLU D 264 -5.72 28.19 -2.04
N SER D 265 -5.55 29.11 -1.10
CA SER D 265 -4.84 30.37 -1.38
C SER D 265 -3.62 30.17 -2.22
N TYR D 266 -2.86 29.14 -1.88
CA TYR D 266 -1.69 28.84 -2.63
C TYR D 266 -2.10 28.52 -4.06
N CYS D 267 -2.94 27.52 -4.23
CA CYS D 267 -3.34 27.13 -5.56
C CYS D 267 -3.82 28.35 -6.29
N ALA D 268 -4.59 29.18 -5.61
CA ALA D 268 -5.07 30.42 -6.20
C ALA D 268 -3.90 31.25 -6.73
N ILE D 269 -2.84 31.42 -5.95
CA ILE D 269 -1.74 32.24 -6.41
C ILE D 269 -1.14 31.58 -7.62
N ALA D 270 -1.04 30.27 -7.57
CA ALA D 270 -0.50 29.53 -8.70
C ALA D 270 -1.30 29.82 -9.93
N HIS D 271 -2.61 29.79 -9.78
CA HIS D 271 -3.47 30.10 -10.89
C HIS D 271 -3.07 31.47 -11.40
N GLU D 272 -3.06 32.45 -10.52
CA GLU D 272 -2.72 33.80 -10.94
C GLU D 272 -1.35 33.86 -11.57
N ARG D 273 -0.41 33.12 -11.01
CA ARG D 273 0.94 33.18 -11.52
C ARG D 273 1.03 32.62 -12.92
N VAL D 274 0.18 31.64 -13.22
CA VAL D 274 0.24 31.00 -14.52
C VAL D 274 -0.64 31.77 -15.44
N ASN D 275 -1.76 32.21 -14.92
CA ASN D 275 -2.70 32.90 -15.78
C ASN D 275 -2.11 34.15 -16.34
N ALA D 276 -1.48 34.95 -15.50
CA ALA D 276 -0.98 36.24 -15.96
C ALA D 276 0.26 36.16 -16.81
N LEU D 277 0.53 34.99 -17.37
CA LEU D 277 1.68 34.85 -18.24
C LEU D 277 1.34 35.26 -19.67
N ILE E 33 53.90 19.81 16.15
CA ILE E 33 53.60 18.98 15.02
C ILE E 33 54.24 17.63 15.19
N GLU E 34 53.48 16.60 14.90
CA GLU E 34 53.96 15.25 15.02
C GLU E 34 53.63 14.51 13.73
N LEU E 35 54.27 14.92 12.64
CA LEU E 35 54.19 14.16 11.40
C LEU E 35 54.63 12.72 11.66
N HIS E 36 53.77 11.76 11.33
CA HIS E 36 54.07 10.34 11.55
C HIS E 36 53.76 9.56 10.28
N ASN E 37 54.80 9.24 9.52
CA ASN E 37 54.66 8.32 8.40
C ASN E 37 54.25 6.95 8.92
N ARG E 38 52.98 6.60 8.68
CA ARG E 38 52.44 5.35 9.15
C ARG E 38 51.02 5.17 8.67
N ASP E 39 50.36 4.09 9.11
CA ASP E 39 48.96 3.86 8.77
C ASP E 39 48.07 4.00 9.98
N PHE E 40 47.23 5.01 9.95
CA PHE E 40 46.36 5.26 11.07
C PHE E 40 45.63 4.00 11.43
N LEU E 41 44.99 3.37 10.46
CA LEU E 41 44.19 2.23 10.80
C LEU E 41 44.93 1.18 11.67
N THR E 42 46.26 1.13 11.63
CA THR E 42 46.97 0.24 12.55
C THR E 42 47.54 1.00 13.75
N ASP E 43 48.17 2.15 13.51
CA ASP E 43 48.77 2.91 14.60
C ASP E 43 47.73 3.58 15.49
N ALA E 44 46.44 3.38 15.23
CA ALA E 44 45.38 4.05 15.99
C ALA E 44 45.21 3.46 17.39
N ALA E 45 46.26 2.85 17.91
CA ALA E 45 46.27 2.36 19.27
C ALA E 45 47.22 3.12 20.17
N HIS E 46 48.41 3.46 19.66
CA HIS E 46 49.35 4.23 20.46
C HIS E 46 48.71 5.50 20.97
N LEU E 47 47.95 6.18 20.13
CA LEU E 47 47.18 7.35 20.54
C LEU E 47 46.02 6.91 21.43
N PRO E 48 45.92 7.41 22.65
CA PRO E 48 44.90 6.93 23.59
C PRO E 48 43.53 7.49 23.21
N ASP E 49 42.54 7.13 24.02
CA ASP E 49 41.17 7.57 23.79
C ASP E 49 40.87 8.84 24.59
N ALA E 50 40.05 9.71 24.01
CA ALA E 50 39.71 10.99 24.66
C ALA E 50 40.93 11.88 24.84
N SER E 51 41.78 11.94 23.81
CA SER E 51 42.97 12.79 23.81
C SER E 51 42.95 13.88 22.75
N ILE E 52 42.10 13.76 21.74
CA ILE E 52 42.07 14.75 20.65
C ILE E 52 40.87 15.70 20.76
N ASP E 53 41.13 16.99 20.63
CA ASP E 53 40.04 17.94 20.72
C ASP E 53 39.34 18.18 19.36
N LEU E 54 40.03 17.94 18.26
CA LEU E 54 39.42 18.07 16.94
C LEU E 54 40.04 17.17 15.88
N ILE E 55 39.22 16.42 15.15
CA ILE E 55 39.76 15.65 14.04
C ILE E 55 39.48 16.33 12.71
N VAL E 56 40.54 16.72 11.99
CA VAL E 56 40.40 17.29 10.66
C VAL E 56 40.80 16.19 9.69
N ALA E 57 39.82 15.60 9.04
CA ALA E 57 40.09 14.47 8.19
C ALA E 57 39.77 14.62 6.70
N ASP E 58 40.78 14.64 5.84
CA ASP E 58 40.51 14.63 4.41
C ASP E 58 40.81 13.25 3.96
N PRO E 59 39.84 12.38 4.11
CA PRO E 59 40.17 11.00 3.78
C PRO E 59 40.09 10.75 2.29
N PRO E 60 40.44 9.54 1.87
CA PRO E 60 40.30 9.19 0.46
C PRO E 60 38.85 9.22 0.13
N TYR E 61 38.49 9.95 -0.91
CA TYR E 61 37.10 10.13 -1.26
C TYR E 61 36.39 8.91 -1.81
N GLY E 62 37.13 8.02 -2.45
CA GLY E 62 36.49 6.89 -3.10
C GLY E 62 36.46 7.04 -4.59
N LEU E 63 37.12 8.05 -5.12
CA LEU E 63 37.25 8.25 -6.55
C LEU E 63 38.57 7.69 -7.04
N GLY E 64 38.60 7.26 -8.30
CA GLY E 64 39.85 6.77 -8.86
C GLY E 64 40.94 7.81 -8.77
N LYS E 65 42.05 7.46 -8.11
CA LYS E 65 43.13 8.39 -7.83
C LYS E 65 44.44 7.61 -7.74
N ASP E 66 45.49 8.36 -7.42
CA ASP E 66 46.78 7.74 -7.21
C ASP E 66 47.58 8.60 -6.25
N TYR E 67 47.94 8.04 -5.12
CA TYR E 67 48.68 8.77 -4.12
C TYR E 67 50.01 8.11 -3.82
N GLY E 68 50.55 7.36 -4.77
CA GLY E 68 51.77 6.62 -4.50
C GLY E 68 51.36 5.29 -3.91
N ASN E 69 50.06 5.04 -3.94
CA ASN E 69 49.55 3.81 -3.40
C ASN E 69 48.12 3.66 -3.90
N ASP E 70 47.33 2.75 -3.36
CA ASP E 70 46.00 2.43 -3.86
C ASP E 70 44.90 2.89 -2.92
N SER E 71 45.19 3.76 -1.98
CA SER E 71 44.19 4.15 -0.95
C SER E 71 42.88 4.65 -1.48
N ASP E 72 42.85 5.07 -2.73
CA ASP E 72 41.65 5.69 -3.29
C ASP E 72 40.97 4.84 -4.36
N LYS E 73 41.44 3.63 -4.60
CA LYS E 73 40.85 2.76 -5.61
C LYS E 73 39.67 1.94 -5.07
N ARG E 74 39.24 2.21 -3.85
CA ARG E 74 38.07 1.54 -3.30
C ARG E 74 36.79 2.20 -3.84
N SER E 75 35.67 1.50 -3.65
CA SER E 75 34.39 1.99 -4.16
C SER E 75 33.27 1.13 -3.57
N GLY E 76 32.03 1.54 -3.82
CA GLY E 76 30.86 0.84 -3.37
C GLY E 76 30.96 0.51 -1.89
N ASP E 77 30.28 -0.55 -1.50
CA ASP E 77 30.25 -0.98 -0.11
C ASP E 77 31.62 -1.40 0.41
N ASP E 78 32.61 -1.57 -0.48
CA ASP E 78 33.98 -1.82 -0.04
C ASP E 78 34.59 -0.56 0.56
N PHE E 79 34.52 0.56 -0.17
CA PHE E 79 35.04 1.81 0.36
C PHE E 79 34.26 2.26 1.58
N LEU E 80 32.94 2.19 1.53
CA LEU E 80 32.12 2.57 2.68
C LEU E 80 32.53 1.78 3.92
N ALA E 81 32.60 0.45 3.80
CA ALA E 81 32.90 -0.41 4.95
C ALA E 81 34.28 -0.10 5.53
N TRP E 82 35.24 0.25 4.67
CA TRP E 82 36.54 0.69 5.12
C TRP E 82 36.44 2.04 5.84
N THR E 83 35.68 2.97 5.26
CA THR E 83 35.44 4.25 5.95
C THR E 83 34.89 3.99 7.34
N ARG E 84 33.77 3.27 7.43
CA ARG E 84 33.21 2.89 8.74
C ARG E 84 34.28 2.29 9.65
N GLU E 85 35.29 1.66 9.05
CA GLU E 85 36.35 1.04 9.83
C GLU E 85 37.26 2.09 10.47
N TRP E 86 37.88 2.92 9.65
CA TRP E 86 38.80 3.91 10.20
C TRP E 86 38.06 4.93 11.05
N LEU E 87 36.80 5.23 10.70
CA LEU E 87 36.03 6.18 11.51
C LEU E 87 35.74 5.60 12.89
N GLU E 88 35.20 4.38 12.94
CA GLU E 88 34.92 3.74 14.22
C GLU E 88 36.16 3.64 15.10
N LEU E 89 37.36 3.72 14.51
CA LEU E 89 38.61 3.67 15.26
C LEU E 89 39.14 5.04 15.65
N ALA E 90 38.53 6.12 15.18
CA ALA E 90 39.03 7.44 15.50
C ALA E 90 38.12 8.15 16.49
N ILE E 91 36.83 8.01 16.31
CA ILE E 91 35.89 8.67 17.17
C ILE E 91 36.30 8.57 18.63
N PRO E 92 36.61 7.34 19.10
CA PRO E 92 36.90 7.23 20.53
C PRO E 92 38.14 7.97 20.92
N LYS E 93 38.89 8.46 19.97
CA LYS E 93 40.04 9.24 20.31
C LYS E 93 39.66 10.66 20.61
N LEU E 94 38.38 10.93 20.61
CA LEU E 94 37.96 12.28 20.80
C LEU E 94 37.58 12.60 22.22
N LYS E 95 37.94 13.80 22.66
CA LYS E 95 37.58 14.23 24.00
C LYS E 95 36.11 14.60 24.02
N PRO E 96 35.59 14.93 25.19
CA PRO E 96 34.15 15.19 25.24
C PRO E 96 33.83 16.57 24.70
N SER E 97 34.84 17.40 24.51
CA SER E 97 34.65 18.69 23.92
C SER E 97 34.99 18.52 22.45
N GLY E 98 34.78 17.32 21.94
CA GLY E 98 35.21 17.02 20.59
C GLY E 98 34.35 17.25 19.39
N SER E 99 34.99 17.51 18.28
CA SER E 99 34.29 17.81 17.05
C SER E 99 35.02 17.18 15.89
N MET E 100 34.32 16.93 14.80
CA MET E 100 34.93 16.29 13.63
C MET E 100 34.59 16.88 12.26
N TYR E 101 35.59 17.14 11.43
CA TYR E 101 35.35 17.59 10.07
C TYR E 101 35.79 16.51 9.11
N ILE E 102 34.86 15.99 8.32
CA ILE E 102 35.17 14.95 7.34
C ILE E 102 34.84 15.35 5.89
N PHE E 103 35.85 15.42 5.02
CA PHE E 103 35.60 15.73 3.62
C PHE E 103 35.13 14.51 2.89
N CYS E 104 34.00 14.58 2.22
CA CYS E 104 33.54 13.47 1.41
C CYS E 104 33.01 13.91 0.06
N THR E 105 32.83 12.95 -0.86
CA THR E 105 32.23 13.25 -2.14
C THR E 105 30.76 12.98 -2.06
N TRP E 106 29.97 13.73 -2.80
CA TRP E 106 28.53 13.55 -2.83
C TRP E 106 28.11 12.12 -3.11
N GLN E 107 29.01 11.37 -3.70
CA GLN E 107 28.71 10.01 -4.06
C GLN E 107 28.72 9.08 -2.87
N TYR E 108 29.58 9.35 -1.90
CA TYR E 108 29.58 8.53 -0.71
C TYR E 108 29.21 9.34 0.54
N ALA E 109 28.68 10.52 0.37
CA ALA E 109 28.41 11.34 1.53
C ALA E 109 27.18 10.92 2.28
N PRO E 110 26.10 10.69 1.56
CA PRO E 110 24.87 10.41 2.29
C PRO E 110 24.98 9.25 3.27
N GLU E 111 25.57 8.15 2.86
CA GLU E 111 25.65 6.98 3.71
C GLU E 111 26.64 7.17 4.81
N ILE E 112 27.78 7.73 4.47
CA ILE E 112 28.76 8.01 5.47
C ILE E 112 28.08 8.84 6.54
N PHE E 113 27.54 9.99 6.17
CA PHE E 113 26.90 10.88 7.12
C PHE E 113 25.84 10.19 7.95
N SER E 114 24.90 9.54 7.30
CA SER E 114 23.85 8.82 8.01
C SER E 114 24.43 7.89 9.07
N PHE E 115 25.64 7.39 8.87
CA PHE E 115 26.26 6.52 9.84
C PHE E 115 26.84 7.31 10.98
N LEU E 116 27.61 8.32 10.65
CA LEU E 116 28.23 9.12 11.67
C LEU E 116 27.17 9.71 12.57
N LYS E 117 25.94 9.77 12.09
CA LYS E 117 24.87 10.34 12.87
C LYS E 117 24.35 9.37 13.92
N THR E 118 24.65 8.10 13.73
CA THR E 118 24.24 7.08 14.68
C THR E 118 25.27 7.04 15.76
N GLN E 119 26.35 7.77 15.58
CA GLN E 119 27.43 7.78 16.53
C GLN E 119 27.70 9.16 17.08
N LEU E 120 27.50 10.19 16.27
CA LEU E 120 27.76 11.54 16.72
C LEU E 120 26.64 12.49 16.36
N THR E 121 26.81 13.76 16.68
CA THR E 121 25.80 14.75 16.36
C THR E 121 26.31 15.60 15.22
N MET E 122 25.52 15.73 14.18
CA MET E 122 25.92 16.57 13.07
C MET E 122 25.62 18.01 13.37
N VAL E 123 26.66 18.78 13.54
CA VAL E 123 26.50 20.19 13.82
C VAL E 123 26.24 20.98 12.53
N ASN E 124 26.91 20.63 11.43
CA ASN E 124 26.74 21.38 10.19
C ASN E 124 27.13 20.47 9.04
N GLU E 125 26.59 20.78 7.86
CA GLU E 125 27.07 20.23 6.60
C GLU E 125 27.68 21.39 5.84
N ILE E 126 28.99 21.55 5.94
CA ILE E 126 29.67 22.65 5.26
C ILE E 126 29.98 22.22 3.84
N ILE E 127 29.64 23.06 2.88
CA ILE E 127 29.86 22.80 1.46
C ILE E 127 31.08 23.60 1.04
N TRP E 128 32.10 22.92 0.53
CA TRP E 128 33.23 23.63 0.00
C TRP E 128 33.02 23.86 -1.49
N ASP E 129 32.76 25.10 -1.87
CA ASP E 129 32.62 25.46 -3.27
C ASP E 129 34.00 25.71 -3.80
N ARG E 130 34.45 24.84 -4.67
CA ARG E 130 35.81 24.94 -5.18
C ARG E 130 35.98 25.90 -6.32
N ARG E 131 34.91 26.50 -6.78
CA ARG E 131 34.94 27.50 -7.88
C ARG E 131 35.26 26.90 -9.25
N VAL E 132 36.39 26.23 -9.37
CA VAL E 132 36.78 25.59 -10.63
C VAL E 132 36.22 24.16 -10.69
N PRO E 133 35.37 23.87 -11.67
CA PRO E 133 34.74 22.56 -11.73
C PRO E 133 35.73 21.49 -12.17
N SER E 134 35.34 20.27 -11.95
CA SER E 134 36.14 19.18 -12.37
C SER E 134 35.97 19.04 -13.87
N MET E 135 37.01 18.58 -14.53
CA MET E 135 36.96 18.41 -15.98
C MET E 135 36.49 17.03 -16.40
N GLY E 136 36.86 16.59 -17.60
CA GLY E 136 36.40 15.31 -18.12
C GLY E 136 35.89 15.48 -19.53
N GLY E 137 34.64 15.89 -19.68
CA GLY E 137 34.13 16.15 -20.99
C GLY E 137 32.67 15.84 -21.12
N THR E 138 31.97 15.74 -20.01
CA THR E 138 30.59 15.34 -20.08
C THR E 138 29.61 16.43 -20.39
N THR E 139 28.41 16.02 -20.81
CA THR E 139 27.36 16.94 -21.12
C THR E 139 26.12 16.23 -20.65
N ARG E 140 26.30 15.19 -19.85
CA ARG E 140 25.17 14.41 -19.39
C ARG E 140 24.76 14.68 -17.94
N ARG E 141 25.51 15.53 -17.26
CA ARG E 141 25.14 15.91 -15.89
C ARG E 141 25.73 17.25 -15.51
N PHE E 142 25.28 17.81 -14.39
CA PHE E 142 25.85 19.05 -13.92
C PHE E 142 27.24 18.76 -13.39
N THR E 143 28.16 19.64 -13.70
CA THR E 143 29.54 19.40 -13.34
C THR E 143 29.87 19.62 -11.86
N SER E 144 30.92 19.01 -11.39
CA SER E 144 31.26 19.08 -9.96
C SER E 144 32.06 20.30 -9.57
N VAL E 145 31.55 21.02 -8.58
CA VAL E 145 32.27 22.17 -8.06
C VAL E 145 32.23 22.23 -6.53
N HIS E 146 31.84 21.12 -5.89
CA HIS E 146 31.78 21.08 -4.43
C HIS E 146 32.10 19.77 -3.79
N ASP E 147 32.78 19.79 -2.66
CA ASP E 147 33.04 18.60 -1.88
C ASP E 147 32.22 18.80 -0.62
N ASN E 148 31.74 17.75 0.01
CA ASN E 148 30.88 17.86 1.19
C ASN E 148 31.71 17.68 2.45
N ILE E 149 31.39 18.47 3.49
CA ILE E 149 32.13 18.43 4.75
C ILE E 149 31.13 18.26 5.88
N GLY E 150 31.29 17.20 6.66
CA GLY E 150 30.45 16.95 7.80
C GLY E 150 31.07 17.46 9.07
N PHE E 151 30.30 18.21 9.84
CA PHE E 151 30.78 18.80 11.07
C PHE E 151 30.03 18.09 12.16
N PHE E 152 30.69 17.17 12.83
CA PHE E 152 30.01 16.37 13.84
C PHE E 152 30.56 16.63 15.22
N ALA E 153 29.72 16.43 16.22
CA ALA E 153 30.13 16.63 17.58
C ALA E 153 29.80 15.45 18.48
N VAL E 154 30.66 15.20 19.46
CA VAL E 154 30.43 14.12 20.40
C VAL E 154 29.20 14.43 21.23
N SER E 155 29.11 15.65 21.74
CA SER E 155 27.99 16.02 22.59
C SER E 155 27.61 17.47 22.34
N ARG E 156 26.51 17.90 22.96
CA ARG E 156 26.05 19.27 22.84
C ARG E 156 27.06 20.28 23.34
N ALA E 157 28.08 19.83 24.08
CA ALA E 157 29.05 20.72 24.71
C ALA E 157 30.37 20.75 23.94
N TYR E 158 30.32 20.74 22.62
CA TYR E 158 31.55 20.86 21.84
C TYR E 158 32.17 22.21 21.96
N TYR E 159 33.48 22.29 21.88
CA TYR E 159 34.12 23.59 21.90
C TYR E 159 33.96 24.28 20.56
N PHE E 160 33.34 25.43 20.56
CA PHE E 160 33.23 26.22 19.33
C PHE E 160 33.54 27.67 19.63
N ASP E 161 34.46 28.24 18.88
CA ASP E 161 34.84 29.63 19.07
C ASP E 161 34.81 30.28 17.70
N LEU E 162 33.81 31.15 17.49
CA LEU E 162 33.62 31.77 16.19
C LEU E 162 34.48 33.02 16.01
N ASP E 163 34.72 33.77 17.09
CA ASP E 163 35.49 35.01 16.98
C ASP E 163 36.72 34.91 16.08
N PRO E 164 37.64 33.96 16.27
CA PRO E 164 38.80 33.89 15.38
C PRO E 164 38.45 33.63 13.93
N VAL E 165 37.23 33.18 13.67
CA VAL E 165 36.84 32.73 12.33
C VAL E 165 35.99 33.76 11.59
N ARG E 166 35.37 34.71 12.28
CA ARG E 166 34.52 35.69 11.61
C ARG E 166 35.29 36.42 10.51
N ILE E 167 34.60 36.69 9.41
CA ILE E 167 35.20 37.33 8.25
C ILE E 167 34.93 38.84 8.33
N PRO E 168 35.94 39.67 8.59
CA PRO E 168 35.68 41.12 8.66
C PRO E 168 35.29 41.70 7.31
N TYR E 169 34.42 42.70 7.36
CA TYR E 169 34.01 43.40 6.15
C TYR E 169 35.09 44.40 5.74
N ASP E 170 35.25 44.54 4.43
CA ASP E 170 36.04 45.65 3.93
C ASP E 170 35.21 46.93 3.97
N ALA E 171 35.90 48.06 3.78
CA ALA E 171 35.27 49.37 3.97
C ALA E 171 33.99 49.49 3.15
N ASP E 172 34.09 49.23 1.85
CA ASP E 172 32.95 49.47 0.97
C ASP E 172 31.84 48.46 1.19
N THR E 173 32.19 47.20 1.51
CA THR E 173 31.15 46.22 1.79
C THR E 173 30.45 46.56 3.10
N LYS E 174 31.22 46.87 4.15
CA LYS E 174 30.61 47.27 5.40
C LYS E 174 29.70 48.47 5.20
N LYS E 175 30.09 49.38 4.31
CA LYS E 175 29.24 50.53 4.03
C LYS E 175 27.90 50.08 3.45
N ALA E 176 27.92 49.05 2.60
CA ALA E 176 26.68 48.62 1.98
C ALA E 176 25.80 47.84 2.94
N ARG E 177 26.41 47.19 3.96
CA ARG E 177 25.66 46.40 4.92
C ARG E 177 25.16 47.21 6.10
N SER E 178 25.84 48.29 6.43
CA SER E 178 25.55 48.99 7.67
C SER E 178 24.14 49.57 7.62
N ARG E 179 23.47 49.54 8.76
CA ARG E 179 22.21 50.25 8.94
C ARG E 179 22.08 50.59 10.40
N LYS E 180 21.26 51.60 10.69
CA LYS E 180 20.93 51.92 12.06
C LYS E 180 20.72 50.65 12.87
N LEU E 181 19.85 49.77 12.36
CA LEU E 181 19.53 48.52 13.06
C LEU E 181 20.77 47.70 13.39
N PHE E 182 21.75 47.66 12.49
CA PHE E 182 22.91 46.79 12.65
C PHE E 182 24.15 47.50 13.19
N GLU E 183 24.20 48.83 13.14
CA GLU E 183 25.41 49.54 13.54
C GLU E 183 25.77 49.22 14.99
N GLY E 184 26.88 48.50 15.18
CA GLY E 184 27.29 48.01 16.48
C GLY E 184 27.19 46.50 16.64
N SER E 185 26.40 45.85 15.79
CA SER E 185 26.31 44.39 15.82
C SER E 185 27.69 43.76 15.69
N LYS E 186 27.86 42.64 16.37
CA LYS E 186 29.13 41.91 16.27
C LYS E 186 29.40 41.45 14.84
N TRP E 187 28.40 40.88 14.18
CA TRP E 187 28.65 40.40 12.83
C TRP E 187 29.07 41.54 11.91
N LEU E 188 28.57 42.73 12.15
CA LEU E 188 28.91 43.88 11.31
C LEU E 188 30.26 44.47 11.67
N GLU E 189 30.59 44.55 12.97
CA GLU E 189 31.84 45.16 13.39
C GLU E 189 32.99 44.17 13.43
N MET E 190 32.82 43.02 14.09
CA MET E 190 33.89 42.04 14.14
C MET E 190 34.00 41.22 12.85
N GLY E 191 32.90 40.98 12.15
CA GLY E 191 32.89 40.10 11.01
C GLY E 191 31.80 39.05 11.11
N TYR E 192 31.41 38.48 9.97
CA TYR E 192 30.23 37.61 9.89
C TYR E 192 30.63 36.14 9.92
N ASN E 193 29.60 35.31 9.97
CA ASN E 193 29.74 33.87 10.04
C ASN E 193 30.07 33.29 8.66
N PRO E 194 31.06 32.41 8.55
CA PRO E 194 31.39 31.87 7.23
C PRO E 194 30.23 31.13 6.56
N LYS E 195 29.23 30.65 7.32
CA LYS E 195 28.12 29.88 6.77
C LYS E 195 28.58 28.51 6.32
N ASP E 196 27.61 27.70 5.91
CA ASP E 196 27.87 26.33 5.46
C ASP E 196 28.27 26.23 4.02
N VAL E 197 28.44 27.33 3.34
CA VAL E 197 28.98 27.27 2.00
C VAL E 197 30.22 28.10 2.01
N TRP E 198 31.35 27.44 1.81
CA TRP E 198 32.60 28.14 1.77
C TRP E 198 33.12 28.17 0.34
N SER E 199 33.12 29.36 -0.25
CA SER E 199 33.60 29.51 -1.60
C SER E 199 35.07 29.85 -1.62
N VAL E 200 35.89 28.82 -1.73
CA VAL E 200 37.31 29.03 -1.81
C VAL E 200 37.82 28.26 -3.02
N SER E 201 38.56 28.94 -3.87
CA SER E 201 39.01 28.30 -5.10
C SER E 201 39.96 27.19 -4.91
N ARG E 202 39.84 26.19 -5.77
CA ARG E 202 40.79 25.13 -5.77
C ARG E 202 42.15 25.70 -5.90
N LEU E 203 43.13 24.93 -5.54
CA LEU E 203 44.53 25.36 -5.53
C LEU E 203 45.17 25.07 -6.89
N HIS E 204 45.37 26.12 -7.68
CA HIS E 204 46.04 25.97 -8.97
C HIS E 204 47.43 25.37 -8.80
N ARG E 205 47.89 24.66 -9.84
CA ARG E 205 49.20 24.02 -9.76
C ARG E 205 50.30 25.06 -9.55
N GLN E 206 50.27 26.13 -10.33
CA GLN E 206 51.23 27.22 -10.17
C GLN E 206 50.98 28.06 -8.92
N HIS E 207 49.91 27.78 -8.17
CA HIS E 207 49.66 28.52 -6.94
C HIS E 207 50.86 28.42 -6.02
N ALA E 208 51.23 29.53 -5.40
CA ALA E 208 52.38 29.56 -4.51
C ALA E 208 52.20 28.59 -3.35
N GLU E 209 50.96 28.34 -2.94
CA GLU E 209 50.66 27.40 -1.88
C GLU E 209 50.72 25.95 -2.37
N ARG E 210 50.55 25.74 -3.67
CA ARG E 210 50.48 24.38 -4.18
C ARG E 210 51.81 23.66 -3.96
N VAL E 211 51.71 22.38 -3.64
CA VAL E 211 52.89 21.57 -3.48
C VAL E 211 52.62 20.39 -4.39
N ASP E 212 53.27 19.25 -4.16
CA ASP E 212 53.09 18.13 -5.08
C ASP E 212 52.23 17.02 -4.59
N HIS E 213 51.08 17.35 -4.04
CA HIS E 213 50.16 16.33 -3.67
C HIS E 213 49.04 16.48 -4.64
N PRO E 214 48.43 15.36 -5.02
CA PRO E 214 47.34 15.39 -5.97
C PRO E 214 46.14 16.14 -5.43
N THR E 215 45.71 15.81 -4.24
CA THR E 215 44.54 16.42 -3.67
C THR E 215 44.84 17.31 -2.47
N GLN E 216 45.45 18.46 -2.72
CA GLN E 216 45.77 19.41 -1.67
C GLN E 216 44.58 20.23 -1.26
N LYS E 217 44.60 20.72 -0.04
CA LYS E 217 43.50 21.50 0.45
C LYS E 217 43.96 22.90 0.78
N PRO E 218 43.15 23.88 0.39
CA PRO E 218 43.54 25.27 0.63
C PRO E 218 43.70 25.54 2.15
N LEU E 219 44.82 26.12 2.55
CA LEU E 219 45.04 26.33 3.97
C LEU E 219 44.00 27.27 4.58
N GLU E 220 43.40 28.12 3.75
CA GLU E 220 42.37 29.02 4.26
C GLU E 220 41.21 28.24 4.87
N ILE E 221 40.75 27.19 4.20
CA ILE E 221 39.61 26.44 4.73
C ILE E 221 40.00 25.46 5.81
N ILE E 222 41.29 25.16 5.96
CA ILE E 222 41.74 24.28 7.03
C ILE E 222 42.06 25.05 8.30
N GLU E 223 42.66 26.23 8.16
CA GLU E 223 42.88 27.08 9.34
C GLU E 223 41.57 27.48 9.99
N ARG E 224 40.50 27.58 9.22
CA ARG E 224 39.20 27.90 9.79
C ARG E 224 38.71 26.80 10.72
N MET E 225 38.73 25.56 10.23
CA MET E 225 38.33 24.44 11.06
C MET E 225 39.14 24.42 12.35
N VAL E 226 40.46 24.57 12.22
CA VAL E 226 41.32 24.55 13.41
C VAL E 226 40.90 25.64 14.38
N LEU E 227 40.79 26.88 13.89
CA LEU E 227 40.51 28.00 14.79
C LEU E 227 39.13 27.86 15.41
N ALA E 228 38.13 27.43 14.68
CA ALA E 228 36.84 27.40 15.27
C ALA E 228 36.63 26.25 16.19
N SER E 229 37.22 25.12 15.88
CA SER E 229 36.93 23.93 16.65
C SER E 229 38.11 23.34 17.44
N CYS E 230 39.04 24.18 17.87
CA CYS E 230 40.16 23.75 18.69
C CYS E 230 40.71 24.89 19.54
N PRO E 231 40.71 24.69 20.86
CA PRO E 231 41.24 25.73 21.74
C PRO E 231 42.72 25.93 21.47
N PRO E 232 43.20 27.18 21.49
CA PRO E 232 44.65 27.39 21.36
C PRO E 232 45.44 26.57 22.37
N GLY E 233 46.09 25.51 21.89
CA GLY E 233 46.84 24.60 22.74
C GLY E 233 46.36 23.16 22.70
N GLY E 234 45.23 22.88 22.05
CA GLY E 234 44.73 21.53 21.95
C GLY E 234 45.46 20.73 20.90
N ARG E 235 45.03 19.47 20.75
CA ARG E 235 45.65 18.53 19.83
C ARG E 235 44.68 18.19 18.71
N VAL E 236 45.00 18.63 17.51
CA VAL E 236 44.24 18.20 16.34
C VAL E 236 44.76 16.85 15.86
N LEU E 237 43.91 16.11 15.14
CA LEU E 237 44.32 14.83 14.58
C LEU E 237 43.94 14.67 13.11
N ASP E 238 44.91 14.66 12.21
CA ASP E 238 44.64 14.38 10.81
C ASP E 238 45.17 12.99 10.53
N PRO E 239 44.27 12.04 10.37
CA PRO E 239 44.69 10.67 10.09
C PRO E 239 45.34 10.53 8.73
N PHE E 240 44.82 11.20 7.72
CA PHE E 240 45.36 11.11 6.40
C PHE E 240 45.82 12.50 6.06
N MET E 241 47.00 12.86 6.52
CA MET E 241 47.48 14.22 6.39
C MET E 241 48.11 14.70 5.09
N GLY E 242 48.47 13.78 4.21
CA GLY E 242 49.07 14.16 2.95
C GLY E 242 50.08 15.27 2.98
N SER E 243 49.85 16.31 2.20
CA SER E 243 50.78 17.43 2.15
C SER E 243 51.05 18.04 3.50
N GLY E 244 50.11 17.89 4.42
CA GLY E 244 50.28 18.44 5.75
C GLY E 244 49.65 19.78 5.99
N THR E 245 48.77 20.20 5.08
CA THR E 245 48.07 21.44 5.27
C THR E 245 47.55 21.54 6.72
N THR E 246 46.92 20.50 7.20
CA THR E 246 46.37 20.57 8.55
C THR E 246 47.46 20.86 9.57
N ALA E 247 48.69 20.41 9.29
CA ALA E 247 49.79 20.60 10.22
C ALA E 247 50.34 22.02 10.17
N VAL E 248 50.44 22.60 8.97
CA VAL E 248 50.85 24.00 8.87
C VAL E 248 49.80 24.92 9.49
N ALA E 249 48.54 24.47 9.58
CA ALA E 249 47.53 25.29 10.22
C ALA E 249 47.67 25.26 11.74
N CYS E 250 48.11 24.13 12.30
CA CYS E 250 48.29 24.05 13.74
C CYS E 250 49.49 24.89 14.20
N ALA E 251 50.62 24.78 13.49
CA ALA E 251 51.59 25.85 13.52
C ALA E 251 50.97 27.11 12.92
N ARG E 252 51.52 28.27 13.27
CA ARG E 252 50.88 29.54 12.95
C ARG E 252 49.78 29.83 13.96
N GLN E 253 49.08 28.78 14.41
CA GLN E 253 47.90 28.93 15.25
C GLN E 253 48.09 28.39 16.68
N GLY E 254 49.20 27.74 16.96
CA GLY E 254 49.47 27.27 18.31
C GLY E 254 48.60 26.11 18.78
N ARG E 255 48.48 25.09 17.95
CA ARG E 255 47.71 23.90 18.31
C ARG E 255 48.55 22.67 18.05
N ASP E 256 48.37 21.67 18.90
CA ASP E 256 49.04 20.40 18.72
C ASP E 256 48.39 19.59 17.62
N PHE E 257 49.23 18.87 16.88
CA PHE E 257 48.81 18.12 15.70
C PHE E 257 49.38 16.72 15.73
N VAL E 258 48.55 15.75 15.37
CA VAL E 258 48.99 14.37 15.17
C VAL E 258 48.59 13.99 13.75
N GLY E 259 49.58 13.70 12.91
CA GLY E 259 49.30 13.38 11.53
C GLY E 259 49.87 12.05 11.11
N TYR E 260 49.11 11.29 10.37
CA TYR E 260 49.61 10.04 9.84
C TYR E 260 49.61 10.10 8.31
N GLU E 261 50.65 9.57 7.68
CA GLU E 261 50.73 9.56 6.21
C GLU E 261 51.61 8.43 5.68
N ILE E 262 51.00 7.46 4.98
CA ILE E 262 51.76 6.37 4.38
C ILE E 262 52.82 6.83 3.40
N ASN E 263 52.49 7.76 2.51
CA ASN E 263 53.42 8.19 1.48
C ASN E 263 54.56 9.01 2.04
N GLU E 264 55.78 8.53 1.83
CA GLU E 264 56.95 9.19 2.39
C GLU E 264 57.26 10.55 1.84
N SER E 265 57.08 10.72 0.55
CA SER E 265 57.37 11.99 -0.09
C SER E 265 56.49 13.07 0.48
N TYR E 266 55.21 12.76 0.62
CA TYR E 266 54.30 13.70 1.20
C TYR E 266 54.78 14.15 2.56
N CYS E 267 55.03 13.19 3.45
CA CYS E 267 55.52 13.52 4.78
C CYS E 267 56.66 14.48 4.64
N ALA E 268 57.48 14.26 3.66
CA ALA E 268 58.60 15.13 3.45
C ALA E 268 58.13 16.52 3.12
N ILE E 269 57.20 16.61 2.19
CA ILE E 269 56.64 17.91 1.83
C ILE E 269 56.14 18.56 3.09
N ALA E 270 55.43 17.79 3.91
CA ALA E 270 54.94 18.32 5.16
C ALA E 270 56.05 18.98 5.92
N HIS E 271 57.10 18.23 6.21
CA HIS E 271 58.20 18.77 6.97
C HIS E 271 58.67 20.07 6.36
N GLU E 272 58.92 20.10 5.06
CA GLU E 272 59.45 21.31 4.48
C GLU E 272 58.50 22.45 4.70
N ARG E 273 57.20 22.18 4.62
CA ARG E 273 56.21 23.23 4.81
C ARG E 273 56.28 23.70 6.25
N VAL E 274 55.96 22.81 7.15
CA VAL E 274 56.03 23.14 8.56
C VAL E 274 57.35 23.80 8.91
N ASN E 275 58.45 23.35 8.30
CA ASN E 275 59.74 23.89 8.64
C ASN E 275 59.87 25.23 8.00
N ALA E 276 59.21 26.21 8.57
CA ALA E 276 59.22 27.57 8.05
C ALA E 276 58.27 28.39 8.89
N LEU F 29 -43.11 -5.84 31.29
CA LEU F 29 -43.15 -6.66 30.10
C LEU F 29 -44.36 -6.42 29.30
N PRO F 30 -44.19 -6.04 28.05
CA PRO F 30 -45.32 -5.82 27.18
C PRO F 30 -46.18 -7.06 27.11
N SER F 31 -47.36 -6.89 26.58
CA SER F 31 -48.28 -8.00 26.52
C SER F 31 -48.12 -8.68 25.19
N GLY F 32 -48.15 -9.99 25.19
CA GLY F 32 -47.88 -10.73 23.97
C GLY F 32 -46.45 -11.23 23.99
N ILE F 33 -45.57 -10.48 24.62
CA ILE F 33 -44.18 -10.91 24.75
C ILE F 33 -44.01 -11.68 26.03
N GLU F 34 -43.55 -12.92 25.91
CA GLU F 34 -43.38 -13.79 27.04
C GLU F 34 -42.02 -14.43 27.00
N LEU F 35 -41.23 -14.22 28.02
CA LEU F 35 -39.88 -14.71 28.04
C LEU F 35 -39.61 -15.72 29.14
N HIS F 36 -38.93 -16.80 28.83
CA HIS F 36 -38.66 -17.85 29.80
C HIS F 36 -37.20 -18.21 29.96
N ASN F 37 -36.76 -18.35 31.20
CA ASN F 37 -35.40 -18.79 31.46
C ASN F 37 -35.45 -20.27 31.72
N ARG F 38 -35.79 -21.03 30.68
CA ARG F 38 -35.84 -22.48 30.79
C ARG F 38 -35.30 -23.21 29.56
N ASP F 39 -35.06 -24.50 29.67
CA ASP F 39 -34.65 -25.30 28.54
C ASP F 39 -35.89 -25.60 27.74
N PHE F 40 -35.87 -25.24 26.46
CA PHE F 40 -37.02 -25.45 25.62
C PHE F 40 -37.39 -26.90 25.54
N LEU F 41 -36.42 -27.74 25.36
CA LEU F 41 -36.68 -29.15 25.20
C LEU F 41 -37.50 -29.76 26.33
N THR F 42 -37.42 -29.18 27.51
CA THR F 42 -38.11 -29.73 28.66
C THR F 42 -39.43 -29.01 28.94
N ASP F 43 -39.62 -27.82 28.40
CA ASP F 43 -40.85 -27.07 28.57
C ASP F 43 -41.76 -27.03 27.36
N ALA F 44 -41.44 -27.81 26.35
CA ALA F 44 -42.22 -27.83 25.13
C ALA F 44 -43.67 -28.21 25.35
N ALA F 45 -43.94 -29.01 26.36
CA ALA F 45 -45.29 -29.46 26.62
C ALA F 45 -46.16 -28.30 26.98
N HIS F 46 -45.60 -27.32 27.60
CA HIS F 46 -46.35 -26.14 27.95
C HIS F 46 -46.84 -25.38 26.76
N LEU F 47 -46.20 -25.57 25.63
CA LEU F 47 -46.59 -24.85 24.44
C LEU F 47 -47.61 -25.68 23.74
N PRO F 48 -48.80 -25.13 23.62
CA PRO F 48 -49.84 -25.84 22.91
C PRO F 48 -49.47 -26.19 21.46
N ASP F 49 -49.79 -27.41 21.05
CA ASP F 49 -49.57 -27.81 19.68
C ASP F 49 -50.37 -26.97 18.74
N ALA F 50 -49.76 -26.55 17.65
CA ALA F 50 -50.44 -25.80 16.60
C ALA F 50 -50.85 -24.39 17.06
N SER F 51 -50.02 -23.75 17.88
CA SER F 51 -50.33 -22.40 18.34
C SER F 51 -49.43 -21.32 17.76
N ILE F 52 -48.31 -21.70 17.20
CA ILE F 52 -47.36 -20.74 16.66
C ILE F 52 -47.44 -20.58 15.16
N ASP F 53 -47.41 -19.35 14.70
CA ASP F 53 -47.42 -19.07 13.29
C ASP F 53 -46.00 -19.08 12.69
N LEU F 54 -45.01 -18.62 13.47
CA LEU F 54 -43.62 -18.62 13.01
C LEU F 54 -42.59 -19.02 14.03
N ILE F 55 -41.63 -19.81 13.63
CA ILE F 55 -40.53 -20.14 14.49
C ILE F 55 -39.28 -19.47 13.92
N VAL F 56 -38.65 -18.62 14.69
CA VAL F 56 -37.41 -18.01 14.29
C VAL F 56 -36.34 -18.65 15.17
N ALA F 57 -35.67 -19.66 14.64
CA ALA F 57 -34.72 -20.39 15.38
C ALA F 57 -33.29 -20.10 15.05
N ASP F 58 -32.55 -19.59 16.01
CA ASP F 58 -31.12 -19.34 15.82
C ASP F 58 -30.43 -20.24 16.81
N PRO F 59 -30.49 -21.53 16.54
CA PRO F 59 -29.96 -22.46 17.49
C PRO F 59 -28.43 -22.53 17.53
N PRO F 60 -27.89 -23.23 18.50
CA PRO F 60 -26.45 -23.45 18.50
C PRO F 60 -26.05 -24.06 17.16
N TYR F 61 -24.97 -23.58 16.59
CA TYR F 61 -24.51 -24.07 15.30
C TYR F 61 -23.68 -25.32 15.42
N GLY F 62 -23.08 -25.53 16.57
CA GLY F 62 -22.16 -26.62 16.75
C GLY F 62 -20.74 -26.14 16.44
N LEU F 63 -20.38 -24.95 16.90
CA LEU F 63 -19.09 -24.38 16.56
C LEU F 63 -18.13 -24.09 17.72
N GLY F 64 -18.45 -24.55 18.92
CA GLY F 64 -17.60 -24.37 20.07
C GLY F 64 -17.75 -23.12 20.91
N LYS F 65 -18.78 -22.33 20.67
CA LYS F 65 -18.95 -21.08 21.39
C LYS F 65 -19.31 -21.34 22.84
N ASP F 66 -19.20 -20.29 23.65
CA ASP F 66 -19.54 -20.40 25.07
C ASP F 66 -20.64 -19.43 25.42
N TYR F 67 -21.83 -19.95 25.65
CA TYR F 67 -22.95 -19.13 25.99
C TYR F 67 -23.20 -19.16 27.51
N GLY F 68 -22.18 -19.47 28.29
CA GLY F 68 -22.35 -19.61 29.72
C GLY F 68 -22.72 -21.03 29.97
N ASN F 69 -22.76 -21.82 28.91
CA ASN F 69 -23.09 -23.23 29.00
C ASN F 69 -22.36 -23.99 27.92
N ASP F 70 -22.64 -25.28 27.80
CA ASP F 70 -22.00 -26.10 26.79
C ASP F 70 -22.91 -26.51 25.60
N SER F 71 -23.98 -25.77 25.39
CA SER F 71 -24.91 -26.06 24.31
C SER F 71 -24.25 -26.10 22.95
N ASP F 72 -23.22 -25.31 22.74
CA ASP F 72 -22.53 -25.27 21.47
C ASP F 72 -21.28 -26.10 21.47
N LYS F 73 -21.14 -26.96 22.45
CA LYS F 73 -19.96 -27.76 22.55
C LYS F 73 -20.20 -29.16 22.00
N ARG F 74 -21.39 -29.39 21.47
CA ARG F 74 -21.67 -30.67 20.85
C ARG F 74 -21.22 -30.64 19.42
N SER F 75 -20.99 -31.79 18.85
CA SER F 75 -20.58 -31.87 17.46
C SER F 75 -20.96 -33.17 16.84
N GLY F 76 -20.76 -33.27 15.54
CA GLY F 76 -21.08 -34.47 14.83
C GLY F 76 -22.44 -35.04 15.11
N ASP F 77 -22.52 -36.34 15.05
CA ASP F 77 -23.79 -36.99 15.26
C ASP F 77 -24.46 -36.54 16.56
N ASP F 78 -23.69 -36.14 17.55
CA ASP F 78 -24.26 -35.70 18.81
C ASP F 78 -24.95 -34.36 18.71
N PHE F 79 -24.44 -33.48 17.87
CA PHE F 79 -25.08 -32.21 17.67
C PHE F 79 -26.33 -32.41 16.88
N LEU F 80 -26.25 -33.19 15.81
CA LEU F 80 -27.38 -33.42 14.93
C LEU F 80 -28.53 -34.13 15.60
N ALA F 81 -28.23 -35.10 16.44
CA ALA F 81 -29.27 -35.79 17.17
C ALA F 81 -30.00 -34.84 18.08
N TRP F 82 -29.26 -33.98 18.75
CA TRP F 82 -29.88 -32.96 19.57
C TRP F 82 -30.63 -32.01 18.69
N THR F 83 -30.05 -31.65 17.55
CA THR F 83 -30.74 -30.78 16.60
C THR F 83 -32.06 -31.43 16.16
N ARG F 84 -32.05 -32.68 15.73
CA ARG F 84 -33.31 -33.25 15.30
C ARG F 84 -34.25 -33.51 16.46
N GLU F 85 -33.72 -33.59 17.68
CA GLU F 85 -34.59 -33.77 18.84
C GLU F 85 -35.44 -32.54 19.09
N TRP F 86 -34.80 -31.40 19.37
CA TRP F 86 -35.58 -30.19 19.64
C TRP F 86 -36.44 -29.82 18.45
N LEU F 87 -35.98 -30.13 17.25
CA LEU F 87 -36.78 -29.89 16.06
C LEU F 87 -38.08 -30.68 16.14
N GLU F 88 -38.01 -31.90 16.65
CA GLU F 88 -39.22 -32.72 16.66
C GLU F 88 -40.21 -32.22 17.69
N LEU F 89 -39.72 -31.57 18.75
CA LEU F 89 -40.62 -30.92 19.70
C LEU F 89 -41.16 -29.60 19.17
N ALA F 90 -40.36 -28.86 18.40
CA ALA F 90 -40.78 -27.56 17.91
C ALA F 90 -41.83 -27.72 16.80
N ILE F 91 -41.56 -28.59 15.79
CA ILE F 91 -42.42 -28.63 14.62
C ILE F 91 -43.90 -28.73 14.99
N PRO F 92 -44.34 -29.73 15.75
CA PRO F 92 -45.78 -29.85 16.04
C PRO F 92 -46.43 -28.59 16.65
N LYS F 93 -45.65 -27.62 17.08
CA LYS F 93 -46.21 -26.39 17.57
C LYS F 93 -46.65 -25.47 16.44
N LEU F 94 -46.21 -25.75 15.24
CA LEU F 94 -46.52 -24.88 14.14
C LEU F 94 -47.93 -25.12 13.62
N LYS F 95 -48.65 -24.06 13.42
CA LYS F 95 -49.99 -24.20 12.87
C LYS F 95 -49.90 -24.55 11.37
N PRO F 96 -51.00 -25.05 10.79
CA PRO F 96 -50.96 -25.49 9.37
C PRO F 96 -50.48 -24.44 8.42
N SER F 97 -50.70 -23.19 8.76
CA SER F 97 -50.28 -22.08 7.96
C SER F 97 -48.87 -21.67 8.32
N GLY F 98 -48.29 -22.34 9.29
CA GLY F 98 -46.99 -21.96 9.78
C GLY F 98 -45.73 -22.09 8.97
N SER F 99 -44.69 -21.45 9.46
CA SER F 99 -43.40 -21.47 8.78
C SER F 99 -42.22 -21.39 9.78
N MET F 100 -41.02 -21.69 9.31
CA MET F 100 -39.84 -21.66 10.16
C MET F 100 -38.55 -21.20 9.50
N TYR F 101 -37.73 -20.47 10.23
CA TYR F 101 -36.40 -20.09 9.76
C TYR F 101 -35.44 -20.66 10.79
N ILE F 102 -34.41 -21.33 10.34
CA ILE F 102 -33.43 -21.93 11.22
C ILE F 102 -32.03 -21.57 10.72
N PHE F 103 -31.28 -20.86 11.54
CA PHE F 103 -29.91 -20.52 11.22
C PHE F 103 -29.02 -21.71 11.47
N CYS F 104 -28.10 -21.93 10.58
CA CYS F 104 -27.13 -22.98 10.76
C CYS F 104 -25.80 -22.72 10.00
N THR F 105 -24.82 -23.60 10.18
CA THR F 105 -23.56 -23.51 9.45
C THR F 105 -23.50 -24.54 8.32
N TRP F 106 -22.79 -24.22 7.27
CA TRP F 106 -22.62 -25.12 6.15
C TRP F 106 -22.11 -26.48 6.55
N GLN F 107 -21.37 -26.55 7.64
CA GLN F 107 -20.84 -27.79 8.15
C GLN F 107 -21.90 -28.76 8.59
N TYR F 108 -23.06 -28.29 8.98
CA TYR F 108 -24.17 -29.17 9.35
C TYR F 108 -25.51 -28.94 8.60
N ALA F 109 -25.53 -28.00 7.69
CA ALA F 109 -26.75 -27.67 6.98
C ALA F 109 -27.26 -28.78 6.05
N PRO F 110 -26.39 -29.35 5.26
CA PRO F 110 -26.84 -30.42 4.39
C PRO F 110 -27.58 -31.51 5.17
N GLU F 111 -27.10 -31.89 6.33
CA GLU F 111 -27.79 -32.90 7.14
C GLU F 111 -29.07 -32.34 7.74
N ILE F 112 -29.00 -31.14 8.32
CA ILE F 112 -30.18 -30.56 8.94
C ILE F 112 -31.28 -30.37 7.91
N PHE F 113 -30.96 -29.70 6.80
CA PHE F 113 -31.97 -29.45 5.77
C PHE F 113 -32.52 -30.75 5.21
N SER F 114 -31.66 -31.76 5.03
CA SER F 114 -32.13 -33.05 4.54
C SER F 114 -33.17 -33.65 5.47
N PHE F 115 -32.93 -33.59 6.77
CA PHE F 115 -33.89 -34.15 7.72
C PHE F 115 -35.20 -33.38 7.68
N LEU F 116 -35.12 -32.05 7.63
CA LEU F 116 -36.32 -31.22 7.68
C LEU F 116 -37.15 -31.35 6.41
N LYS F 117 -36.51 -31.61 5.28
CA LYS F 117 -37.28 -31.77 4.05
C LYS F 117 -38.17 -32.99 4.13
N THR F 118 -37.89 -33.91 5.06
CA THR F 118 -38.74 -35.06 5.31
C THR F 118 -39.92 -34.74 6.22
N GLN F 119 -39.97 -33.56 6.81
CA GLN F 119 -41.02 -33.17 7.72
C GLN F 119 -41.79 -32.03 7.14
N LEU F 120 -41.11 -30.97 6.81
CA LEU F 120 -41.72 -29.84 6.19
C LEU F 120 -41.27 -29.68 4.77
N THR F 121 -41.75 -28.66 4.10
CA THR F 121 -41.33 -28.35 2.76
C THR F 121 -40.41 -27.14 2.80
N MET F 122 -39.43 -27.14 1.94
CA MET F 122 -38.49 -26.04 1.90
C MET F 122 -38.89 -25.03 0.85
N VAL F 123 -39.19 -23.83 1.28
CA VAL F 123 -39.60 -22.79 0.38
C VAL F 123 -38.38 -22.05 -0.14
N ASN F 124 -37.46 -21.73 0.76
CA ASN F 124 -36.25 -21.04 0.37
C ASN F 124 -35.03 -21.41 1.20
N GLU F 125 -33.86 -21.10 0.69
CA GLU F 125 -32.63 -21.25 1.44
C GLU F 125 -32.09 -19.84 1.36
N ILE F 126 -32.07 -19.17 2.49
CA ILE F 126 -31.61 -17.80 2.55
C ILE F 126 -30.17 -17.79 3.02
N ILE F 127 -29.32 -17.09 2.30
CA ILE F 127 -27.92 -16.94 2.66
C ILE F 127 -27.77 -15.60 3.38
N TRP F 128 -27.33 -15.64 4.61
CA TRP F 128 -27.00 -14.42 5.29
C TRP F 128 -25.54 -14.10 5.01
N ASP F 129 -25.32 -13.12 4.19
CA ASP F 129 -24.00 -12.65 3.91
C ASP F 129 -23.65 -11.70 5.04
N ARG F 130 -22.75 -12.12 5.88
CA ARG F 130 -22.37 -11.36 7.06
C ARG F 130 -21.44 -10.21 6.76
N ARG F 131 -20.90 -10.15 5.56
CA ARG F 131 -20.00 -9.06 5.12
C ARG F 131 -18.62 -9.08 5.77
N VAL F 132 -18.55 -9.35 7.06
CA VAL F 132 -17.30 -9.38 7.78
C VAL F 132 -16.91 -10.82 8.00
N PRO F 133 -15.85 -11.25 7.36
CA PRO F 133 -15.43 -12.66 7.43
C PRO F 133 -14.99 -13.11 8.80
N SER F 134 -15.12 -14.39 9.08
CA SER F 134 -14.62 -14.94 10.32
C SER F 134 -13.10 -14.87 10.34
N MET F 135 -12.53 -14.73 11.52
CA MET F 135 -11.08 -14.68 11.65
C MET F 135 -10.49 -16.03 12.06
N GLY F 136 -9.17 -16.17 11.99
CA GLY F 136 -8.49 -17.40 12.36
C GLY F 136 -7.00 -17.44 12.01
N GLY F 137 -6.68 -17.39 10.75
CA GLY F 137 -5.33 -17.46 10.31
C GLY F 137 -5.11 -18.33 9.11
N THR F 138 -6.15 -18.96 8.62
CA THR F 138 -6.00 -19.89 7.54
C THR F 138 -5.69 -19.31 6.21
N THR F 139 -5.18 -20.16 5.34
CA THR F 139 -4.85 -19.78 4.00
C THR F 139 -5.15 -21.04 3.20
N ARG F 140 -5.64 -22.06 3.88
CA ARG F 140 -5.93 -23.34 3.23
C ARG F 140 -7.37 -23.56 2.75
N ARG F 141 -8.23 -22.56 2.92
CA ARG F 141 -9.61 -22.64 2.43
C ARG F 141 -10.19 -21.25 2.32
N PHE F 142 -11.43 -21.17 1.90
CA PHE F 142 -12.05 -19.89 1.76
C PHE F 142 -12.65 -19.47 3.08
N THR F 143 -12.37 -18.26 3.49
CA THR F 143 -12.84 -17.73 4.76
C THR F 143 -14.36 -17.60 4.80
N SER F 144 -14.95 -17.68 5.97
CA SER F 144 -16.40 -17.69 6.11
C SER F 144 -17.05 -16.33 6.26
N VAL F 145 -17.99 -16.03 5.40
CA VAL F 145 -18.73 -14.78 5.45
C VAL F 145 -20.24 -15.02 5.31
N HIS F 146 -20.70 -16.25 5.46
CA HIS F 146 -22.12 -16.58 5.39
C HIS F 146 -22.63 -17.62 6.35
N ASP F 147 -23.81 -17.43 6.89
CA ASP F 147 -24.47 -18.43 7.72
C ASP F 147 -25.64 -18.88 6.84
N ASN F 148 -26.21 -20.02 7.12
CA ASN F 148 -27.31 -20.56 6.35
C ASN F 148 -28.65 -20.49 7.07
N ILE F 149 -29.68 -20.19 6.34
CA ILE F 149 -31.01 -20.17 6.91
C ILE F 149 -31.99 -20.97 6.08
N GLY F 150 -32.64 -21.93 6.70
CA GLY F 150 -33.62 -22.76 6.04
C GLY F 150 -35.02 -22.24 6.29
N PHE F 151 -35.71 -21.91 5.23
CA PHE F 151 -37.07 -21.42 5.32
C PHE F 151 -38.01 -22.56 4.96
N PHE F 152 -38.72 -23.07 5.92
CA PHE F 152 -39.61 -24.18 5.72
C PHE F 152 -41.06 -23.85 6.06
N ALA F 153 -41.99 -24.66 5.60
CA ALA F 153 -43.39 -24.44 5.80
C ALA F 153 -44.07 -25.75 6.04
N VAL F 154 -45.06 -25.75 6.90
CA VAL F 154 -45.83 -26.96 7.17
C VAL F 154 -46.65 -27.38 5.95
N SER F 155 -47.33 -26.45 5.33
CA SER F 155 -48.18 -26.76 4.19
C SER F 155 -48.05 -25.80 3.05
N ARG F 156 -48.62 -26.18 1.93
CA ARG F 156 -48.50 -25.34 0.74
C ARG F 156 -49.20 -23.99 0.93
N ALA F 157 -50.09 -23.92 1.90
CA ALA F 157 -50.80 -22.71 2.15
C ALA F 157 -50.23 -21.90 3.30
N TYR F 158 -48.94 -21.72 3.32
CA TYR F 158 -48.31 -20.99 4.37
C TYR F 158 -48.53 -19.52 4.23
N TYR F 159 -48.63 -18.84 5.34
CA TYR F 159 -48.76 -17.41 5.31
C TYR F 159 -47.47 -16.78 4.89
N PHE F 160 -47.54 -15.77 4.06
CA PHE F 160 -46.39 -15.07 3.57
C PHE F 160 -46.81 -13.76 2.93
N ASP F 161 -46.31 -12.66 3.46
CA ASP F 161 -46.60 -11.38 2.90
C ASP F 161 -45.34 -10.62 2.61
N LEU F 162 -45.08 -10.37 1.36
CA LEU F 162 -43.89 -9.68 0.96
C LEU F 162 -43.92 -8.20 1.12
N ASP F 163 -45.08 -7.60 1.01
CA ASP F 163 -45.15 -6.15 1.03
C ASP F 163 -44.49 -5.48 2.23
N PRO F 164 -44.74 -5.96 3.43
CA PRO F 164 -44.03 -5.32 4.54
C PRO F 164 -42.51 -5.41 4.43
N VAL F 165 -41.97 -6.36 3.66
CA VAL F 165 -40.52 -6.59 3.56
C VAL F 165 -39.93 -6.15 2.22
N ARG F 166 -40.74 -5.63 1.29
CA ARG F 166 -40.19 -5.07 0.05
C ARG F 166 -39.21 -3.95 0.36
N ILE F 167 -38.13 -3.89 -0.41
CA ILE F 167 -37.07 -2.90 -0.22
C ILE F 167 -37.30 -1.77 -1.22
N PRO F 168 -37.66 -0.57 -0.78
CA PRO F 168 -37.94 0.50 -1.74
C PRO F 168 -36.66 1.08 -2.33
N TYR F 169 -36.75 1.52 -3.58
CA TYR F 169 -35.62 2.17 -4.23
C TYR F 169 -35.48 3.62 -3.78
N ASP F 170 -34.24 4.10 -3.76
CA ASP F 170 -33.98 5.53 -3.65
C ASP F 170 -34.05 6.18 -5.03
N ALA F 171 -34.30 7.49 -5.02
CA ALA F 171 -34.44 8.25 -6.26
C ALA F 171 -33.44 7.80 -7.32
N ASP F 172 -32.17 7.65 -6.94
CA ASP F 172 -31.14 7.35 -7.92
C ASP F 172 -31.32 5.96 -8.52
N THR F 173 -31.43 4.95 -7.66
CA THR F 173 -31.55 3.59 -8.15
C THR F 173 -32.83 3.39 -8.95
N LYS F 174 -33.95 3.93 -8.46
CA LYS F 174 -35.18 3.80 -9.21
C LYS F 174 -34.99 4.35 -10.62
N LYS F 175 -34.35 5.52 -10.72
CA LYS F 175 -34.06 6.09 -12.02
C LYS F 175 -33.21 5.15 -12.85
N ALA F 176 -32.20 4.53 -12.23
CA ALA F 176 -31.33 3.62 -12.96
C ALA F 176 -32.09 2.38 -13.43
N ARG F 177 -33.08 1.93 -12.66
CA ARG F 177 -33.79 0.70 -12.95
C ARG F 177 -35.04 0.90 -13.79
N SER F 178 -35.55 2.12 -13.88
CA SER F 178 -36.84 2.33 -14.50
C SER F 178 -36.73 2.23 -16.02
N ARG F 179 -37.65 1.47 -16.62
CA ARG F 179 -37.83 1.45 -18.05
C ARG F 179 -39.32 1.36 -18.34
N LYS F 180 -39.72 1.81 -19.53
CA LYS F 180 -41.14 1.81 -19.84
C LYS F 180 -41.73 0.42 -19.62
N LEU F 181 -41.00 -0.61 -20.02
CA LEU F 181 -41.46 -1.96 -19.78
C LEU F 181 -41.80 -2.24 -18.31
N PHE F 182 -41.12 -1.57 -17.37
CA PHE F 182 -41.31 -1.85 -15.94
C PHE F 182 -42.14 -0.80 -15.23
N GLU F 183 -42.48 0.31 -15.89
CA GLU F 183 -43.17 1.39 -15.20
C GLU F 183 -44.52 0.91 -14.70
N GLY F 184 -44.81 1.19 -13.44
CA GLY F 184 -46.02 0.73 -12.81
C GLY F 184 -45.92 -0.63 -12.15
N SER F 185 -44.81 -1.35 -12.35
CA SER F 185 -44.64 -2.66 -11.74
C SER F 185 -44.58 -2.52 -10.23
N LYS F 186 -45.15 -3.50 -9.52
CA LYS F 186 -45.09 -3.45 -8.07
C LYS F 186 -43.65 -3.40 -7.57
N TRP F 187 -42.77 -4.17 -8.20
CA TRP F 187 -41.41 -4.29 -7.67
C TRP F 187 -40.64 -2.99 -7.82
N LEU F 188 -40.98 -2.19 -8.83
CA LEU F 188 -40.30 -0.93 -9.08
C LEU F 188 -40.95 0.21 -8.31
N GLU F 189 -42.29 0.28 -8.33
CA GLU F 189 -42.99 1.36 -7.67
C GLU F 189 -43.03 1.16 -6.16
N MET F 190 -43.17 -0.08 -5.69
CA MET F 190 -43.25 -0.35 -4.27
C MET F 190 -41.93 -0.77 -3.66
N GLY F 191 -41.19 -1.64 -4.32
CA GLY F 191 -39.87 -2.07 -3.87
C GLY F 191 -39.69 -3.55 -4.15
N TYR F 192 -38.44 -3.96 -4.22
CA TYR F 192 -38.11 -5.33 -4.60
C TYR F 192 -38.04 -6.44 -3.58
N ASN F 193 -38.05 -7.67 -4.05
CA ASN F 193 -37.89 -8.81 -3.21
C ASN F 193 -36.50 -8.83 -2.64
N PRO F 194 -36.39 -8.88 -1.33
CA PRO F 194 -35.06 -8.94 -0.70
C PRO F 194 -34.17 -10.11 -1.23
N LYS F 195 -34.76 -11.09 -1.89
CA LYS F 195 -34.02 -12.21 -2.47
C LYS F 195 -33.57 -13.20 -1.40
N ASP F 196 -32.91 -14.28 -1.80
CA ASP F 196 -32.45 -15.28 -0.83
C ASP F 196 -30.96 -15.14 -0.52
N VAL F 197 -30.38 -13.99 -0.80
CA VAL F 197 -29.09 -13.61 -0.24
C VAL F 197 -29.32 -12.28 0.46
N TRP F 198 -28.99 -12.24 1.74
CA TRP F 198 -29.16 -11.05 2.52
C TRP F 198 -27.83 -10.50 2.98
N SER F 199 -27.40 -9.43 2.35
CA SER F 199 -26.16 -8.81 2.71
C SER F 199 -26.36 -7.80 3.83
N VAL F 200 -26.17 -8.25 5.04
CA VAL F 200 -26.32 -7.40 6.22
C VAL F 200 -25.15 -7.69 7.13
N SER F 201 -24.37 -6.66 7.39
CA SER F 201 -23.17 -6.84 8.20
C SER F 201 -23.40 -7.27 9.60
N ARG F 202 -22.56 -8.18 10.03
CA ARG F 202 -22.59 -8.57 11.41
C ARG F 202 -22.43 -7.34 12.29
N LEU F 203 -22.96 -7.44 13.48
CA LEU F 203 -22.92 -6.33 14.41
C LEU F 203 -21.60 -6.22 15.14
N HIS F 204 -20.89 -5.15 14.89
CA HIS F 204 -19.66 -4.89 15.60
C HIS F 204 -19.89 -4.76 17.10
N ARG F 205 -18.90 -5.14 17.88
CA ARG F 205 -18.99 -5.03 19.32
C ARG F 205 -19.36 -3.64 19.79
N GLN F 206 -18.94 -2.63 19.04
CA GLN F 206 -19.25 -1.26 19.39
C GLN F 206 -20.54 -0.71 18.75
N HIS F 207 -21.20 -1.50 17.93
CA HIS F 207 -22.47 -1.07 17.34
C HIS F 207 -23.49 -0.78 18.43
N ALA F 208 -24.25 0.28 18.25
CA ALA F 208 -25.30 0.64 19.22
C ALA F 208 -26.34 -0.44 19.48
N GLU F 209 -26.57 -1.33 18.54
CA GLU F 209 -27.48 -2.45 18.75
C GLU F 209 -26.86 -3.60 19.49
N ARG F 210 -25.55 -3.59 19.61
CA ARG F 210 -24.86 -4.71 20.23
C ARG F 210 -25.00 -4.76 21.72
N VAL F 211 -25.29 -5.94 22.21
CA VAL F 211 -25.42 -6.15 23.61
C VAL F 211 -24.47 -7.27 23.97
N ASP F 212 -24.34 -7.56 25.25
CA ASP F 212 -23.41 -8.57 25.69
C ASP F 212 -23.81 -10.00 25.36
N HIS F 213 -23.70 -10.36 24.08
CA HIS F 213 -23.95 -11.73 23.66
C HIS F 213 -22.91 -12.10 22.61
N PRO F 214 -22.49 -13.35 22.60
CA PRO F 214 -21.43 -13.72 21.67
C PRO F 214 -21.88 -13.90 20.23
N THR F 215 -23.14 -14.16 19.95
CA THR F 215 -23.64 -14.43 18.62
C THR F 215 -24.94 -13.72 18.34
N GLN F 216 -24.96 -12.41 18.41
CA GLN F 216 -26.16 -11.65 18.21
C GLN F 216 -26.49 -11.51 16.74
N LYS F 217 -27.76 -11.61 16.43
CA LYS F 217 -28.20 -11.49 15.07
C LYS F 217 -28.80 -10.12 14.84
N PRO F 218 -28.44 -9.49 13.74
CA PRO F 218 -28.95 -8.18 13.43
C PRO F 218 -30.49 -8.14 13.34
N LEU F 219 -31.13 -7.19 14.00
CA LEU F 219 -32.59 -7.09 13.99
C LEU F 219 -33.15 -6.91 12.60
N GLU F 220 -32.38 -6.33 11.72
CA GLU F 220 -32.78 -6.15 10.35
C GLU F 220 -33.24 -7.44 9.72
N ILE F 221 -32.53 -8.53 9.96
CA ILE F 221 -32.92 -9.75 9.28
C ILE F 221 -33.96 -10.51 10.08
N ILE F 222 -33.93 -10.43 11.41
CA ILE F 222 -34.97 -11.07 12.19
C ILE F 222 -36.31 -10.39 11.95
N GLU F 223 -36.33 -9.06 11.94
CA GLU F 223 -37.57 -8.34 11.66
C GLU F 223 -38.15 -8.72 10.30
N ARG F 224 -37.29 -8.85 9.28
CA ARG F 224 -37.77 -9.27 7.97
C ARG F 224 -38.51 -10.60 8.07
N MET F 225 -37.94 -11.56 8.80
CA MET F 225 -38.60 -12.85 8.99
C MET F 225 -39.97 -12.64 9.64
N VAL F 226 -40.01 -11.87 10.73
CA VAL F 226 -41.28 -11.67 11.43
C VAL F 226 -42.31 -11.02 10.52
N LEU F 227 -41.89 -10.04 9.71
CA LEU F 227 -42.83 -9.26 8.92
C LEU F 227 -43.41 -10.09 7.77
N ALA F 228 -42.65 -10.92 7.14
CA ALA F 228 -43.14 -11.64 6.00
C ALA F 228 -43.89 -12.88 6.35
N SER F 229 -43.54 -13.48 7.44
CA SER F 229 -44.09 -14.79 7.73
C SER F 229 -45.01 -14.90 8.96
N CYS F 230 -45.23 -13.82 9.66
CA CYS F 230 -46.17 -13.83 10.77
C CYS F 230 -47.19 -12.71 10.59
N PRO F 231 -48.46 -13.07 10.54
CA PRO F 231 -49.49 -12.03 10.49
C PRO F 231 -49.37 -11.11 11.68
N PRO F 232 -49.79 -9.85 11.55
CA PRO F 232 -49.85 -8.98 12.73
C PRO F 232 -50.79 -9.58 13.76
N GLY F 233 -50.27 -9.80 14.97
CA GLY F 233 -50.99 -10.48 16.00
C GLY F 233 -50.63 -11.96 16.14
N GLY F 234 -50.03 -12.56 15.11
CA GLY F 234 -49.57 -13.93 15.20
C GLY F 234 -48.66 -14.14 16.40
N ARG F 235 -48.33 -15.40 16.70
CA ARG F 235 -47.40 -15.71 17.76
C ARG F 235 -46.13 -16.28 17.13
N VAL F 236 -44.98 -15.80 17.61
CA VAL F 236 -43.67 -16.23 17.15
C VAL F 236 -43.00 -16.99 18.29
N LEU F 237 -42.39 -18.13 17.96
CA LEU F 237 -41.64 -18.92 18.93
C LEU F 237 -40.16 -18.83 18.61
N ASP F 238 -39.34 -18.53 19.60
CA ASP F 238 -37.90 -18.56 19.44
C ASP F 238 -37.37 -19.46 20.57
N PRO F 239 -37.07 -20.71 20.24
CA PRO F 239 -36.63 -21.66 21.27
C PRO F 239 -35.24 -21.40 21.89
N PHE F 240 -34.43 -20.51 21.33
CA PHE F 240 -33.09 -20.21 21.83
C PHE F 240 -32.93 -18.76 21.56
N MET F 241 -33.67 -17.93 22.26
CA MET F 241 -33.72 -16.52 22.02
C MET F 241 -32.53 -15.65 22.36
N GLY F 242 -31.60 -16.18 23.12
CA GLY F 242 -30.44 -15.40 23.51
C GLY F 242 -30.68 -14.02 24.06
N SER F 243 -30.32 -12.99 23.32
CA SER F 243 -30.49 -11.62 23.73
C SER F 243 -31.87 -11.01 23.42
N GLY F 244 -32.79 -11.80 22.92
CA GLY F 244 -34.12 -11.33 22.60
C GLY F 244 -34.38 -10.60 21.30
N THR F 245 -33.49 -10.73 20.32
CA THR F 245 -33.63 -9.97 19.09
C THR F 245 -34.97 -10.23 18.43
N THR F 246 -35.46 -11.43 18.52
CA THR F 246 -36.76 -11.76 17.99
C THR F 246 -37.88 -11.16 18.88
N ALA F 247 -37.66 -11.12 20.20
CA ALA F 247 -38.61 -10.46 21.08
C ALA F 247 -38.80 -9.02 20.68
N VAL F 248 -37.71 -8.31 20.44
CA VAL F 248 -37.76 -6.93 20.06
C VAL F 248 -38.45 -6.75 18.73
N ALA F 249 -38.10 -7.57 17.75
CA ALA F 249 -38.76 -7.51 16.44
C ALA F 249 -40.27 -7.60 16.54
N CYS F 250 -40.76 -8.56 17.30
CA CYS F 250 -42.18 -8.77 17.46
C CYS F 250 -42.81 -7.58 18.17
N ALA F 251 -42.16 -7.09 19.21
CA ALA F 251 -42.65 -5.93 19.93
C ALA F 251 -42.77 -4.72 19.03
N ARG F 252 -41.77 -4.49 18.19
CA ARG F 252 -41.80 -3.37 17.32
C ARG F 252 -42.79 -3.53 16.17
N GLN F 253 -43.27 -4.73 15.91
CA GLN F 253 -44.12 -4.95 14.76
C GLN F 253 -45.50 -5.51 15.09
N GLY F 254 -45.79 -5.63 16.37
CA GLY F 254 -47.13 -6.06 16.75
C GLY F 254 -47.37 -7.55 16.59
N ARG F 255 -46.38 -8.37 16.92
CA ARG F 255 -46.53 -9.81 16.92
C ARG F 255 -46.37 -10.32 18.34
N ASP F 256 -46.98 -11.46 18.61
CA ASP F 256 -46.83 -12.11 19.91
C ASP F 256 -45.58 -12.98 19.91
N PHE F 257 -44.97 -13.10 21.08
CA PHE F 257 -43.73 -13.84 21.19
C PHE F 257 -43.59 -14.76 22.37
N VAL F 258 -43.04 -15.93 22.13
CA VAL F 258 -42.70 -16.82 23.20
C VAL F 258 -41.22 -17.15 22.99
N GLY F 259 -40.42 -17.08 24.04
CA GLY F 259 -39.01 -17.41 23.95
C GLY F 259 -38.36 -18.17 25.06
N TYR F 260 -37.29 -18.90 24.76
CA TYR F 260 -36.56 -19.65 25.76
C TYR F 260 -35.05 -19.40 25.71
N GLU F 261 -34.40 -19.31 26.86
CA GLU F 261 -32.97 -19.09 26.95
C GLU F 261 -32.50 -19.55 28.32
N ILE F 262 -31.65 -20.54 28.37
CA ILE F 262 -31.18 -21.05 29.63
C ILE F 262 -30.23 -20.12 30.41
N ASN F 263 -29.65 -19.13 29.76
CA ASN F 263 -28.73 -18.19 30.39
C ASN F 263 -29.46 -16.93 30.84
N GLU F 264 -29.50 -16.71 32.14
CA GLU F 264 -30.28 -15.58 32.68
C GLU F 264 -29.71 -14.23 32.43
N SER F 265 -28.41 -14.14 32.29
CA SER F 265 -27.81 -12.88 31.96
C SER F 265 -28.35 -12.47 30.62
N TYR F 266 -28.39 -13.41 29.70
CA TYR F 266 -28.94 -13.15 28.37
C TYR F 266 -30.41 -12.80 28.51
N CYS F 267 -31.14 -13.55 29.31
CA CYS F 267 -32.57 -13.31 29.50
C CYS F 267 -32.84 -11.91 30.04
N ALA F 268 -31.99 -11.43 30.93
CA ALA F 268 -32.14 -10.09 31.42
C ALA F 268 -31.93 -9.08 30.32
N ILE F 269 -30.92 -9.28 29.50
CA ILE F 269 -30.71 -8.40 28.38
C ILE F 269 -31.95 -8.36 27.51
N ALA F 270 -32.55 -9.50 27.28
CA ALA F 270 -33.76 -9.55 26.50
C ALA F 270 -34.87 -8.72 27.13
N HIS F 271 -34.99 -8.77 28.45
CA HIS F 271 -35.97 -7.94 29.12
C HIS F 271 -35.67 -6.47 28.87
N GLU F 272 -34.43 -6.09 29.06
CA GLU F 272 -34.06 -4.71 28.86
C GLU F 272 -34.34 -4.26 27.44
N ARG F 273 -33.87 -5.01 26.46
CA ARG F 273 -34.06 -4.60 25.07
C ARG F 273 -35.55 -4.39 24.74
N VAL F 274 -36.39 -5.26 25.25
CA VAL F 274 -37.80 -5.11 24.99
C VAL F 274 -38.33 -3.87 25.73
N ASN F 275 -37.99 -3.75 26.99
CA ASN F 275 -38.51 -2.64 27.78
C ASN F 275 -38.08 -1.25 27.33
N ALA F 276 -36.99 -1.13 26.59
CA ALA F 276 -36.50 0.17 26.14
C ALA F 276 -37.23 0.70 24.91
N LEU F 277 -38.39 0.17 24.65
CA LEU F 277 -39.16 0.66 23.53
C LEU F 277 -40.34 1.50 24.00
C1 GLC M . -39.35 -32.55 -3.78
C2 GLC M . -40.12 -33.39 -4.78
C3 GLC M . -41.17 -32.53 -5.46
C4 GLC M . -42.05 -31.83 -4.42
C5 GLC M . -41.21 -31.15 -3.35
C6 GLC M . -42.09 -30.69 -2.20
O2 GLC M . -39.23 -33.91 -5.75
O3 GLC M . -41.97 -33.38 -6.27
O4 GLC M . -42.85 -30.85 -5.07
O5 GLC M . -40.26 -32.05 -2.81
O6 GLC M . -42.84 -29.55 -2.59
H1 GLC M . -38.61 -33.19 -3.30
H2 GLC M . -40.62 -34.21 -4.24
H3 GLC M . -40.67 -31.78 -6.07
H4 GLC M . -42.68 -32.58 -3.94
H5 GLC M . -40.71 -30.27 -3.78
H61 GLC M . -41.47 -30.45 -1.35
H62 GLC M . -42.77 -31.50 -1.93
HO2 GLC M . -38.39 -33.39 -5.71
HO3 GLC M . -41.55 -34.25 -6.33
HO4 GLC M . -42.26 -30.19 -5.46
HO6 GLC M . -42.59 -29.27 -3.48
C1 FRU M . -36.40 -31.85 -4.05
C2 FRU M . -37.58 -30.93 -3.86
C3 FRU M . -37.26 -29.59 -4.47
C4 FRU M . -37.48 -28.57 -3.38
C5 FRU M . -37.65 -29.36 -2.11
C6 FRU M . -38.81 -28.80 -1.31
O1 FRU M . -35.49 -31.67 -2.98
O2 FRU M . -38.72 -31.49 -4.49
O3 FRU M . -38.10 -29.34 -5.60
O4 FRU M . -36.37 -27.71 -3.25
O5 FRU M . -37.87 -30.72 -2.48
O6 FRU M . -38.64 -29.05 0.08
H11 FRU M . -35.90 -31.60 -4.99
H12 FRU M . -36.71 -32.89 -4.11
H3 FRU M . -36.20 -29.56 -4.76
H4 FRU M . -38.39 -28.01 -3.59
H5 FRU M . -36.72 -29.28 -1.51
H61 FRU M . -39.73 -29.25 -1.67
H62 FRU M . -38.87 -27.72 -1.48
HO1 FRU M . -35.21 -30.74 -2.97
HO3 FRU M . -38.93 -29.82 -5.47
HO4 FRU M . -35.59 -28.24 -3.02
HO6 FRU M . -37.97 -29.75 0.21
C1 GLC N . -8.17 -10.50 16.00
C2 GLC N . -6.70 -10.27 15.67
C3 GLC N . -5.96 -9.96 16.96
C4 GLC N . -6.55 -8.67 17.49
C5 GLC N . -8.03 -8.89 17.77
C6 GLC N . -8.69 -7.67 18.38
O2 GLC N . -6.11 -11.39 15.02
O3 GLC N . -4.57 -9.80 16.74
O4 GLC N . -5.86 -8.30 18.68
O5 GLC N . -8.66 -9.26 16.51
O6 GLC N . -7.87 -6.51 18.25
H1 GLC N . -8.71 -10.78 15.08
H2 GLC N . -6.63 -9.39 15.02
H3 GLC N . -6.15 -10.76 17.69
H4 GLC N . -6.44 -7.89 16.72
H5 GLC N . -8.11 -9.69 18.51
H61 GLC N . -8.88 -7.87 19.44
H62 GLC N . -9.66 -7.51 17.90
HO2 GLC N . -5.86 -12.05 15.67
HO3 GLC N . -4.39 -9.94 15.80
HO4 GLC N . -6.40 -8.52 19.44
HO6 GLC N . -7.23 -6.49 18.96
C1 FRU N . -7.87 -13.20 18.43
C2 FRU N . -8.28 -12.80 17.02
C3 FRU N . -9.56 -13.54 16.65
C4 FRU N . -9.09 -14.77 15.92
C5 FRU N . -7.58 -14.68 15.99
C6 FRU N . -6.95 -15.31 14.77
O1 FRU N . -8.34 -12.25 19.38
O2 FRU N . -8.46 -11.39 17.06
O3 FRU N . -10.39 -12.73 15.81
O4 FRU N . -9.54 -15.95 16.56
O5 FRU N . -7.29 -13.30 16.14
O6 FRU N . -6.63 -16.64 15.20
H11 FRU N . -6.78 -13.27 18.47
H12 FRU N . -8.28 -14.18 18.66
H3 FRU N . -10.09 -13.83 17.56
H4 FRU N . -9.43 -14.73 14.88
H5 FRU N . -7.24 -15.23 16.88
H61 FRU N . -6.06 -14.75 14.48
H62 FRU N . -7.65 -15.33 13.95
HO1 FRU N . -9.05 -11.72 18.98
HO3 FRU N . -10.51 -11.86 16.22
HO4 FRU N . -9.29 -15.93 17.49
HO6 FRU N . -7.29 -17.25 14.83
N1 EPE O . -39.74 -11.85 -17.72
C2 EPE O . -38.60 -11.83 -18.65
C3 EPE O . -39.01 -11.12 -19.93
N4 EPE O . -39.90 -10.01 -19.64
C5 EPE O . -39.86 -9.44 -18.30
C6 EPE O . -40.14 -10.51 -17.26
C7 EPE O . -40.65 -9.39 -20.70
C8 EPE O . -42.17 -9.50 -20.50
O8 EPE O . -42.63 -8.36 -19.80
C9 EPE O . -40.88 -12.56 -18.32
C10 EPE O . -41.62 -13.33 -17.23
S EPE O . -40.86 -14.92 -16.75
O1S EPE O . -41.74 -16.03 -17.13
O2S EPE O . -40.69 -14.97 -15.31
O3S EPE O . -39.56 -15.08 -17.43
H21 EPE O . -38.29 -12.85 -18.87
H22 EPE O . -37.76 -11.31 -18.19
H31 EPE O . -39.51 -11.82 -20.60
H32 EPE O . -38.12 -10.75 -20.44
H51 EPE O . -40.60 -8.64 -18.23
H52 EPE O . -38.88 -9.01 -18.13
H61 EPE O . -41.20 -10.51 -17.02
H62 EPE O . -39.60 -10.27 -16.34
H71 EPE O . -40.39 -9.86 -21.65
H72 EPE O . -40.38 -8.34 -20.77
H81 EPE O . -42.39 -10.39 -19.93
H82 EPE O . -42.67 -9.57 -21.46
HO8 EPE O . -41.91 -7.70 -19.73
H91 EPE O . -41.56 -11.85 -18.79
H92 EPE O . -40.53 -13.24 -19.09
H101 EPE O . -41.67 -12.70 -16.35
H102 EPE O . -42.63 -13.52 -17.57
N SFG P . -20.40 -24.83 -17.17
CA SFG P . -20.92 -24.83 -18.51
C SFG P . -20.69 -23.46 -19.03
O SFG P . -20.95 -23.22 -20.22
OXT SFG P . -20.24 -22.64 -18.27
CB SFG P . -22.38 -25.25 -18.49
CG SFG P . -22.56 -26.76 -18.43
CD SFG P . -24.00 -27.08 -18.08
NE SFG P . -24.30 -26.54 -16.78
C5' SFG P . -24.19 -28.59 -18.06
C4' SFG P . -23.85 -29.21 -19.41
O4' SFG P . -23.65 -30.61 -19.27
C3' SFG P . -24.96 -29.06 -20.43
O3' SFG P . -24.48 -28.27 -21.51
C2' SFG P . -25.32 -30.46 -20.87
O2' SFG P . -25.56 -30.55 -22.27
C1' SFG P . -24.08 -31.24 -20.48
N9 SFG P . -24.34 -32.66 -20.23
C8 SFG P . -25.48 -33.22 -19.80
N7 SFG P . -25.35 -34.55 -19.68
C5 SFG P . -24.09 -34.87 -20.05
C6 SFG P . -23.28 -36.09 -20.15
N6 SFG P . -23.78 -37.30 -19.84
N1 SFG P . -22.01 -35.97 -20.57
C2 SFG P . -21.48 -34.78 -20.89
N3 SFG P . -22.16 -33.62 -20.80
C4 SFG P . -23.44 -33.61 -20.40
N SFG Q . 7.72 25.24 -4.30
CA SFG Q . 6.61 25.95 -3.78
C SFG Q . 6.81 27.38 -4.06
O SFG Q . 5.92 28.18 -3.76
OXT SFG Q . 7.88 27.69 -4.57
CB SFG Q . 6.63 25.73 -2.30
CG SFG Q . 5.97 24.42 -1.87
CD SFG Q . 6.28 24.15 -0.41
NE SFG Q . 7.69 23.95 -0.26
C5' SFG Q . 5.54 22.91 0.06
C4' SFG Q . 4.06 23.07 -0.22
O4' SFG Q . 3.47 21.78 -0.40
C3' SFG Q . 3.31 23.71 0.94
O3' SFG Q . 2.59 24.82 0.44
C2' SFG Q . 2.36 22.66 1.46
O2' SFG Q . 1.10 23.22 1.83
C1' SFG Q . 2.21 21.74 0.27
N9 SFG Q . 1.92 20.36 0.70
C8 SFG Q . 2.30 19.79 1.85
N7 SFG Q . 1.86 18.52 1.93
C5 SFG Q . 1.19 18.26 0.80
C6 SFG Q . 0.47 17.11 0.24
N6 SFG Q . 0.40 15.96 0.94
N1 SFG Q . -0.10 17.24 -0.97
C2 SFG Q . -0.02 18.39 -1.66
N3 SFG Q . 0.62 19.49 -1.21
C4 SFG Q . 1.23 19.47 -0.01
N SFG R . 45.89 15.94 3.80
CA SFG R . 45.86 16.10 2.39
C SFG R . 46.37 17.44 2.09
O SFG R . 47.57 17.61 1.93
OXT SFG R . 45.56 18.32 2.04
CB SFG R . 44.39 15.95 2.14
CG SFG R . 44.16 14.47 2.42
CD SFG R . 44.74 13.53 1.38
NE SFG R . 43.89 13.60 0.23
C5' SFG R . 44.75 12.09 1.88
C4' SFG R . 46.18 11.55 2.07
O4' SFG R . 46.20 10.53 3.06
C3' SFG R . 46.74 10.91 0.82
O3' SFG R . 48.02 11.49 0.56
C2' SFG R . 46.90 9.45 1.12
O2' SFG R . 48.09 8.90 0.56
C1' SFG R . 47.01 9.44 2.63
N9 SFG R . 46.51 8.18 3.22
C8 SFG R . 45.56 7.38 2.73
N7 SFG R . 45.35 6.33 3.55
C5 SFG R . 46.19 6.47 4.59
C6 SFG R . 46.48 5.71 5.82
N6 SFG R . 45.83 4.57 6.11
N1 SFG R . 47.43 6.20 6.64
C2 SFG R . 48.09 7.33 6.37
N3 SFG R . 47.87 8.07 5.28
C4 SFG R . 46.95 7.69 4.37
N SFG S . -30.38 -15.13 18.22
CA SFG S . -29.90 -14.80 19.52
C SFG S . -29.55 -13.35 19.50
O SFG S . -29.16 -12.82 20.53
OXT SFG S . -29.68 -12.74 18.45
CB SFG S . -28.71 -15.70 19.90
CG SFG S . -29.12 -17.05 20.46
CD SFG S . -27.96 -18.03 20.40
NE SFG S . -27.52 -18.15 19.03
C5' SFG S . -28.42 -19.40 20.90
C4' SFG S . -28.86 -19.33 22.35
O4' SFG S . -29.59 -20.49 22.72
C3' SFG S . -27.68 -19.26 23.31
O3' SFG S . -27.74 -18.03 24.02
C2' SFG S . -27.84 -20.45 24.22
O2' SFG S . -27.48 -20.15 25.57
C1' SFG S . -29.31 -20.75 24.10
N9 SFG S . -29.66 -22.14 24.42
C8 SFG S . -28.91 -23.24 24.28
N7 SFG S . -29.60 -24.33 24.67
C5 SFG S . -30.81 -23.93 25.06
C6 SFG S . -32.03 -24.56 25.59
N6 SFG S . -32.11 -25.89 25.79
N1 SFG S . -33.08 -23.76 25.87
C2 SFG S . -33.03 -22.43 25.69
N3 SFG S . -31.96 -21.80 25.21
C4 SFG S . -30.84 -22.48 24.89
#